data_6SK3
#
_entry.id   6SK3
#
_cell.length_a   91.806
_cell.length_b   58.074
_cell.length_c   148.212
_cell.angle_alpha   90.000
_cell.angle_beta   92.250
_cell.angle_gamma   90.000
#
_symmetry.space_group_name_H-M   'C 1 2 1'
#
loop_
_entity.id
_entity.type
_entity.pdbx_description
1 polymer 'Glycylpeptide N-tetradecanoyltransferase 1'
2 polymer 'Apoptosis-inducing factor 3'
3 non-polymer GLYCEROL
4 non-polymer TETRADECANOYL-COA
5 non-polymer 'MAGNESIUM ION'
6 water water
#
loop_
_entity_poly.entity_id
_entity_poly.type
_entity_poly.pdbx_seq_one_letter_code
_entity_poly.pdbx_strand_id
1 'polypeptide(L)'
;GGSEFSVGQGPAKTMEEASKRSYQFWDTQPVPKLGEVVNTHGPVEPDKDNIRQEPYTLPQGFTWDALDLGDRGVLKELYT
LLNENYVEDDDNMFRFDYSPEFLLWALRPPGWLPQWHCGVRVVSSRKLVGFISAIPANIHIYDTEKKMVEINFLCVHKKL
RSKRVAPVLIREITRRVHLEGIFQAVYTAGVVLPKPVGTCRYWHRSLNPRKLIEVKFSHLSRNMTMQRTMKLYRLPETPK
TAGLRPMETKDIPVVHQLLTRYLKQFHLTPVMSQEEVEHWFYPQENIIDTFVVENANGEVTDFLSFYTLPSTIMNHPTHK
SLKAAYSFYNVHTQTPLLDLMSDALVLAKMKGFDVFNALDLMENKTFLEKLKFGIGDGNLQYYLYNWKCPSMGAEKVGL
;
A,B
2 'polypeptide(L)' GNCFSKPR C,D
#
# COMPACT_ATOMS: atom_id res chain seq x y z
N GLY A 10 9.53 -8.35 -36.12
CA GLY A 10 8.79 -8.71 -34.93
C GLY A 10 8.49 -7.48 -34.09
N PRO A 11 9.41 -7.11 -33.20
CA PRO A 11 9.30 -5.84 -32.50
C PRO A 11 9.87 -4.72 -33.34
N ALA A 12 9.41 -3.50 -33.03
CA ALA A 12 9.98 -2.28 -33.61
C ALA A 12 10.90 -1.65 -32.58
N LYS A 13 12.17 -1.47 -32.95
CA LYS A 13 13.16 -0.93 -32.03
C LYS A 13 13.43 0.54 -32.25
N THR A 14 13.06 1.09 -33.40
CA THR A 14 13.22 2.49 -33.69
C THR A 14 11.84 3.11 -33.92
N MET A 15 11.73 4.41 -33.61
CA MET A 15 10.48 5.12 -33.88
C MET A 15 10.15 5.10 -35.36
N GLU A 16 11.17 5.21 -36.20
CA GLU A 16 10.97 5.07 -37.63
C GLU A 16 10.52 3.66 -38.00
N GLU A 17 11.09 2.66 -37.34
CA GLU A 17 10.61 1.29 -37.49
C GLU A 17 9.21 1.15 -36.91
N ALA A 18 8.86 1.98 -35.92
CA ALA A 18 7.55 1.91 -35.29
C ALA A 18 6.46 2.52 -36.16
N SER A 19 6.83 3.26 -37.21
CA SER A 19 5.81 3.80 -38.11
C SER A 19 5.11 2.69 -38.88
N LYS A 20 5.83 1.60 -39.19
CA LYS A 20 5.26 0.47 -39.90
C LYS A 20 4.17 -0.21 -39.08
N ARG A 21 4.42 -0.40 -37.79
CA ARG A 21 3.62 -1.30 -36.98
C ARG A 21 2.21 -0.77 -36.79
N SER A 22 1.27 -1.69 -36.71
CA SER A 22 -0.08 -1.44 -36.23
C SER A 22 -0.26 -2.23 -34.95
N TYR A 23 -0.96 -1.64 -33.99
CA TYR A 23 -1.03 -2.21 -32.65
C TYR A 23 -2.45 -2.71 -32.40
N GLN A 24 -2.69 -3.94 -32.85
CA GLN A 24 -3.99 -4.56 -32.68
C GLN A 24 -4.39 -4.64 -31.20
N PHE A 25 -3.42 -4.81 -30.31
CA PHE A 25 -3.69 -4.87 -28.88
C PHE A 25 -3.58 -3.50 -28.21
N TRP A 26 -2.47 -2.81 -28.41
CA TRP A 26 -2.23 -1.59 -27.66
C TRP A 26 -3.15 -0.45 -28.09
N ASP A 27 -3.81 -0.57 -29.24
CA ASP A 27 -4.84 0.41 -29.59
C ASP A 27 -6.05 0.27 -28.70
N THR A 28 -6.25 -0.89 -28.08
CA THR A 28 -7.35 -1.13 -27.16
C THR A 28 -7.03 -0.72 -25.74
N GLN A 29 -5.76 -0.39 -25.43
CA GLN A 29 -5.36 -0.13 -24.06
C GLN A 29 -5.39 1.36 -23.75
N PRO A 30 -5.57 1.72 -22.48
CA PRO A 30 -5.56 3.14 -22.11
C PRO A 30 -4.17 3.73 -22.15
N VAL A 31 -3.58 3.84 -23.33
CA VAL A 31 -2.28 4.48 -23.49
C VAL A 31 -2.38 5.49 -24.62
N PRO A 32 -1.60 6.56 -24.60
CA PRO A 32 -1.67 7.54 -25.70
C PRO A 32 -1.24 6.92 -27.02
N LYS A 33 -1.73 7.51 -28.11
CA LYS A 33 -1.35 7.09 -29.45
C LYS A 33 0.06 7.55 -29.76
N LEU A 34 0.75 6.78 -30.61
CA LEU A 34 2.15 7.06 -30.89
C LEU A 34 2.31 8.46 -31.46
N GLY A 35 1.69 8.72 -32.62
CA GLY A 35 1.87 9.97 -33.32
C GLY A 35 1.36 11.19 -32.57
N GLU A 36 0.44 11.01 -31.64
CA GLU A 36 -0.17 12.14 -30.95
C GLU A 36 0.86 12.87 -30.07
N VAL A 37 0.74 14.19 -30.02
CA VAL A 37 1.53 15.02 -29.12
C VAL A 37 0.66 15.32 -27.90
N VAL A 38 1.23 15.14 -26.72
CA VAL A 38 0.46 15.18 -25.47
C VAL A 38 0.79 16.48 -24.74
N ASN A 39 -0.25 17.27 -24.47
CA ASN A 39 -0.09 18.53 -23.75
C ASN A 39 -0.84 18.53 -22.42
N THR A 40 -1.19 17.35 -21.91
CA THR A 40 -2.07 17.21 -20.76
C THR A 40 -1.35 16.44 -19.66
N HIS A 41 -1.97 16.42 -18.47
CA HIS A 41 -1.54 15.59 -17.36
C HIS A 41 -2.77 14.88 -16.81
N GLY A 42 -2.79 13.55 -16.88
CA GLY A 42 -3.86 12.81 -16.28
C GLY A 42 -4.07 11.42 -16.84
N PRO A 43 -5.04 10.70 -16.29
CA PRO A 43 -5.31 9.33 -16.74
C PRO A 43 -5.99 9.30 -18.10
N VAL A 44 -5.74 8.23 -18.83
CA VAL A 44 -6.42 8.05 -20.11
C VAL A 44 -7.87 7.66 -19.90
N GLU A 45 -8.16 6.95 -18.83
CA GLU A 45 -9.50 6.47 -18.54
C GLU A 45 -9.75 6.60 -17.04
N PRO A 46 -11.01 6.79 -16.63
CA PRO A 46 -11.30 6.84 -15.20
C PRO A 46 -11.10 5.49 -14.55
N ASP A 47 -11.05 5.54 -13.22
CA ASP A 47 -10.98 4.33 -12.41
C ASP A 47 -12.23 3.49 -12.59
N LYS A 48 -12.03 2.20 -12.79
CA LYS A 48 -13.13 1.25 -12.86
C LYS A 48 -13.53 0.85 -11.44
N ASP A 49 -14.82 0.96 -11.13
CA ASP A 49 -15.31 0.74 -9.77
C ASP A 49 -16.02 -0.60 -9.61
N ASN A 50 -16.01 -1.44 -10.64
CA ASN A 50 -16.30 -2.85 -10.48
C ASN A 50 -15.32 -3.62 -11.35
N ILE A 51 -14.63 -4.58 -10.76
CA ILE A 51 -13.49 -5.23 -11.39
C ILE A 51 -13.84 -6.68 -11.67
N ARG A 52 -13.54 -7.12 -12.89
CA ARG A 52 -13.73 -8.51 -13.29
C ARG A 52 -13.07 -9.45 -12.29
N GLN A 53 -13.85 -10.40 -11.79
CA GLN A 53 -13.36 -11.34 -10.79
C GLN A 53 -12.76 -12.59 -11.41
N GLU A 54 -13.04 -12.85 -12.57
CA GLU A 54 -12.56 -14.10 -13.11
C GLU A 54 -11.32 -13.87 -13.97
N PRO A 55 -10.33 -14.76 -13.87
CA PRO A 55 -9.14 -14.62 -14.70
C PRO A 55 -9.49 -14.65 -16.19
N TYR A 56 -8.71 -13.92 -16.98
CA TYR A 56 -8.91 -13.95 -18.42
C TYR A 56 -8.61 -15.34 -18.96
N THR A 57 -9.27 -15.67 -20.07
CA THR A 57 -9.10 -16.98 -20.67
C THR A 57 -7.74 -17.06 -21.36
N LEU A 58 -6.97 -18.06 -20.99
CA LEU A 58 -5.74 -18.44 -21.67
C LEU A 58 -6.06 -19.45 -22.77
N PRO A 59 -5.19 -19.58 -23.77
CA PRO A 59 -5.39 -20.62 -24.78
C PRO A 59 -5.45 -22.00 -24.13
N GLN A 60 -6.15 -22.91 -24.83
CA GLN A 60 -6.38 -24.25 -24.32
C GLN A 60 -5.07 -24.91 -23.93
N GLY A 61 -5.09 -25.66 -22.83
CA GLY A 61 -3.90 -26.31 -22.32
C GLY A 61 -3.03 -25.46 -21.42
N PHE A 62 -3.46 -24.24 -21.09
CA PHE A 62 -2.71 -23.35 -20.23
C PHE A 62 -3.61 -22.81 -19.14
N THR A 63 -3.03 -22.58 -17.96
CA THR A 63 -3.80 -22.13 -16.80
C THR A 63 -2.95 -21.18 -15.98
N TRP A 64 -3.62 -20.37 -15.18
CA TRP A 64 -2.92 -19.43 -14.31
C TRP A 64 -2.40 -20.15 -13.07
N ASP A 65 -1.32 -19.60 -12.52
CA ASP A 65 -0.80 -20.04 -11.23
C ASP A 65 0.04 -18.91 -10.66
N ALA A 66 -0.39 -18.36 -9.52
CA ALA A 66 0.42 -17.38 -8.83
C ALA A 66 1.64 -18.06 -8.23
N LEU A 67 2.81 -17.49 -8.48
CA LEU A 67 4.07 -18.11 -8.05
C LEU A 67 4.41 -17.65 -6.64
N ASP A 68 4.51 -18.61 -5.73
CA ASP A 68 4.98 -18.34 -4.37
C ASP A 68 6.51 -18.40 -4.39
N LEU A 69 7.15 -17.23 -4.50
CA LEU A 69 8.60 -17.19 -4.62
C LEU A 69 9.29 -17.62 -3.33
N GLY A 70 8.57 -17.69 -2.21
CA GLY A 70 9.12 -18.29 -1.00
C GLY A 70 9.30 -19.78 -1.11
N ASP A 71 8.64 -20.42 -2.07
CA ASP A 71 8.88 -21.83 -2.36
C ASP A 71 10.14 -21.93 -3.21
N ARG A 72 11.05 -22.80 -2.79
CA ARG A 72 12.35 -22.88 -3.47
C ARG A 72 12.20 -23.45 -4.87
N GLY A 73 11.48 -24.57 -4.99
CA GLY A 73 11.33 -25.20 -6.30
C GLY A 73 10.59 -24.33 -7.29
N VAL A 74 9.58 -23.59 -6.82
CA VAL A 74 8.84 -22.70 -7.70
C VAL A 74 9.72 -21.53 -8.13
N LEU A 75 10.48 -20.96 -7.19
CA LEU A 75 11.42 -19.91 -7.55
C LEU A 75 12.45 -20.43 -8.53
N LYS A 76 12.85 -21.69 -8.40
CA LYS A 76 13.76 -22.30 -9.36
C LYS A 76 13.14 -22.34 -10.75
N GLU A 77 11.84 -22.67 -10.82
CA GLU A 77 11.14 -22.63 -12.10
C GLU A 77 11.19 -21.25 -12.72
N LEU A 78 11.12 -20.21 -11.90
CA LEU A 78 11.02 -18.85 -12.44
C LEU A 78 12.34 -18.41 -13.07
N TYR A 79 13.45 -18.53 -12.32
CA TYR A 79 14.72 -18.13 -12.92
C TYR A 79 15.11 -19.07 -14.04
N THR A 80 14.80 -20.37 -13.92
CA THR A 80 15.00 -21.27 -15.05
C THR A 80 14.21 -20.81 -16.26
N LEU A 81 13.02 -20.26 -16.05
CA LEU A 81 12.26 -19.69 -17.15
C LEU A 81 12.94 -18.42 -17.67
N LEU A 82 13.26 -17.50 -16.76
CA LEU A 82 13.87 -16.24 -17.18
C LEU A 82 15.27 -16.46 -17.74
N ASN A 83 16.05 -17.35 -17.13
CA ASN A 83 17.42 -17.57 -17.60
C ASN A 83 17.44 -18.17 -18.99
N GLU A 84 16.32 -18.72 -19.45
CA GLU A 84 16.27 -19.40 -20.74
C GLU A 84 15.36 -18.74 -21.74
N ASN A 85 14.53 -17.77 -21.32
CA ASN A 85 13.53 -17.22 -22.24
C ASN A 85 13.34 -15.71 -22.10
N TYR A 86 14.20 -15.00 -21.37
CA TYR A 86 13.94 -13.59 -21.11
C TYR A 86 14.75 -12.72 -22.08
N VAL A 87 15.04 -11.47 -21.69
CA VAL A 87 15.50 -10.46 -22.63
C VAL A 87 16.86 -10.83 -23.19
N GLU A 88 17.03 -10.65 -24.49
CA GLU A 88 18.28 -10.93 -25.16
C GLU A 88 18.80 -9.70 -25.89
N ASP A 89 20.04 -9.81 -26.35
CA ASP A 89 20.65 -8.76 -27.15
C ASP A 89 20.16 -8.85 -28.60
N ASP A 90 20.54 -7.85 -29.39
CA ASP A 90 20.16 -7.82 -30.79
C ASP A 90 20.62 -9.06 -31.55
N ASP A 91 21.70 -9.70 -31.14
CA ASP A 91 22.28 -10.77 -31.93
C ASP A 91 22.09 -12.15 -31.30
N ASN A 92 21.15 -12.29 -30.38
CA ASN A 92 20.92 -13.53 -29.64
C ASN A 92 22.22 -14.11 -29.09
N MET A 93 23.07 -13.25 -28.54
CA MET A 93 24.34 -13.72 -28.01
C MET A 93 24.43 -13.66 -26.51
N PHE A 94 23.63 -12.85 -25.83
CA PHE A 94 23.71 -12.74 -24.38
C PHE A 94 22.31 -12.68 -23.80
N ARG A 95 22.14 -13.37 -22.67
CA ARG A 95 20.89 -13.34 -21.93
C ARG A 95 21.19 -13.11 -20.47
N PHE A 96 20.35 -12.31 -19.81
CA PHE A 96 20.49 -12.08 -18.37
C PHE A 96 20.49 -13.42 -17.63
N ASP A 97 21.26 -13.47 -16.55
CA ASP A 97 21.44 -14.68 -15.74
C ASP A 97 20.96 -14.35 -14.33
N TYR A 98 19.77 -14.84 -13.98
CA TYR A 98 19.05 -14.44 -12.78
C TYR A 98 19.30 -15.43 -11.65
N SER A 99 19.89 -14.94 -10.56
CA SER A 99 20.03 -15.68 -9.32
C SER A 99 18.69 -15.72 -8.59
N PRO A 100 18.45 -16.76 -7.78
CA PRO A 100 17.23 -16.77 -6.97
C PRO A 100 17.12 -15.56 -6.05
N GLU A 101 18.24 -15.13 -5.49
CA GLU A 101 18.24 -14.02 -4.55
C GLU A 101 17.98 -12.69 -5.25
N PHE A 102 18.42 -12.55 -6.49
CA PHE A 102 18.15 -11.31 -7.23
C PHE A 102 16.66 -11.17 -7.49
N LEU A 103 16.00 -12.27 -7.84
CA LEU A 103 14.57 -12.22 -8.11
C LEU A 103 13.80 -11.90 -6.83
N LEU A 104 14.23 -12.44 -5.69
CA LEU A 104 13.63 -12.05 -4.42
C LEU A 104 13.80 -10.56 -4.17
N TRP A 105 14.95 -10.00 -4.55
CA TRP A 105 15.18 -8.57 -4.36
C TRP A 105 14.28 -7.74 -5.26
N ALA A 106 14.14 -8.17 -6.52
CA ALA A 106 13.36 -7.41 -7.49
C ALA A 106 11.87 -7.64 -7.37
N LEU A 107 11.46 -8.82 -6.90
CA LEU A 107 10.05 -9.18 -6.87
C LEU A 107 9.42 -9.19 -5.50
N ARG A 108 10.20 -9.00 -4.43
CA ARG A 108 9.65 -8.92 -3.08
C ARG A 108 10.09 -7.65 -2.35
N PRO A 109 9.83 -6.47 -2.93
CA PRO A 109 10.06 -5.24 -2.18
C PRO A 109 8.94 -5.02 -1.18
N PRO A 110 9.05 -4.03 -0.31
CA PRO A 110 7.94 -3.74 0.61
C PRO A 110 6.63 -3.58 -0.14
N GLY A 111 5.61 -4.29 0.35
CA GLY A 111 4.29 -4.21 -0.24
C GLY A 111 4.02 -5.21 -1.35
N TRP A 112 4.96 -6.10 -1.64
CA TRP A 112 4.74 -7.10 -2.69
C TRP A 112 3.55 -7.98 -2.34
N LEU A 113 2.82 -8.40 -3.38
CA LEU A 113 1.67 -9.26 -3.22
C LEU A 113 1.86 -10.55 -4.00
N PRO A 114 1.50 -11.70 -3.40
CA PRO A 114 1.75 -12.98 -4.10
C PRO A 114 0.96 -13.14 -5.39
N GLN A 115 -0.27 -12.62 -5.46
CA GLN A 115 -1.03 -12.73 -6.70
C GLN A 115 -0.42 -11.91 -7.83
N TRP A 116 0.51 -11.01 -7.53
CA TRP A 116 1.22 -10.25 -8.55
C TRP A 116 2.45 -10.96 -9.05
N HIS A 117 2.67 -12.20 -8.63
CA HIS A 117 3.66 -13.09 -9.25
C HIS A 117 2.88 -14.05 -10.15
N CYS A 118 2.49 -13.54 -11.31
CA CYS A 118 1.47 -14.14 -12.16
C CYS A 118 2.12 -15.03 -13.21
N GLY A 119 2.04 -16.34 -12.99
CA GLY A 119 2.64 -17.31 -13.91
C GLY A 119 1.61 -18.02 -14.77
N VAL A 120 2.10 -18.58 -15.88
CA VAL A 120 1.30 -19.39 -16.78
C VAL A 120 1.97 -20.76 -16.88
N ARG A 121 1.21 -21.81 -16.62
CA ARG A 121 1.70 -23.17 -16.71
C ARG A 121 0.89 -23.96 -17.74
N VAL A 122 1.54 -24.96 -18.33
CA VAL A 122 0.82 -25.92 -19.15
C VAL A 122 -0.03 -26.79 -18.25
N VAL A 123 -1.31 -26.96 -18.62
CA VAL A 123 -2.24 -27.66 -17.73
C VAL A 123 -1.78 -29.10 -17.53
N SER A 124 -1.38 -29.78 -18.61
CA SER A 124 -1.13 -31.21 -18.51
C SER A 124 0.17 -31.53 -17.79
N SER A 125 1.18 -30.66 -17.93
CA SER A 125 2.49 -30.91 -17.35
C SER A 125 2.84 -30.01 -16.17
N ARG A 126 2.09 -28.92 -15.97
CA ARG A 126 2.39 -27.92 -14.93
C ARG A 126 3.72 -27.22 -15.16
N LYS A 127 4.30 -27.34 -16.35
CA LYS A 127 5.57 -26.67 -16.65
C LYS A 127 5.36 -25.18 -16.79
N LEU A 128 6.24 -24.39 -16.18
CA LEU A 128 6.11 -22.94 -16.21
C LEU A 128 6.54 -22.42 -17.58
N VAL A 129 5.64 -21.70 -18.25
CA VAL A 129 5.91 -21.19 -19.59
C VAL A 129 5.61 -19.71 -19.72
N GLY A 130 5.19 -19.05 -18.65
CA GLY A 130 4.85 -17.64 -18.72
C GLY A 130 4.93 -17.00 -17.37
N PHE A 131 5.17 -15.69 -17.36
CA PHE A 131 5.26 -14.95 -16.12
C PHE A 131 5.10 -13.46 -16.41
N ILE A 132 4.59 -12.75 -15.40
CA ILE A 132 4.58 -11.29 -15.41
C ILE A 132 4.42 -10.86 -13.96
N SER A 133 4.92 -9.67 -13.64
CA SER A 133 5.01 -9.26 -12.24
C SER A 133 4.47 -7.85 -12.07
N ALA A 134 4.04 -7.58 -10.84
CA ALA A 134 3.74 -6.23 -10.39
C ALA A 134 4.31 -6.05 -8.99
N ILE A 135 4.87 -4.87 -8.74
CA ILE A 135 5.32 -4.49 -7.41
C ILE A 135 4.77 -3.09 -7.16
N PRO A 136 4.42 -2.75 -5.92
CA PRO A 136 3.86 -1.42 -5.67
C PRO A 136 4.94 -0.34 -5.75
N ALA A 137 4.55 0.82 -6.25
CA ALA A 137 5.53 1.89 -6.46
C ALA A 137 4.79 3.21 -6.52
N ASN A 138 5.16 4.14 -5.63
CA ASN A 138 4.65 5.50 -5.71
C ASN A 138 5.51 6.28 -6.70
N ILE A 139 4.89 6.82 -7.74
CA ILE A 139 5.62 7.44 -8.83
C ILE A 139 5.32 8.94 -8.83
N HIS A 140 6.36 9.75 -8.93
CA HIS A 140 6.25 11.19 -9.17
C HIS A 140 6.38 11.41 -10.66
N ILE A 141 5.37 12.05 -11.26
CA ILE A 141 5.37 12.37 -12.68
C ILE A 141 4.88 13.81 -12.83
N TYR A 142 5.79 14.72 -13.17
CA TYR A 142 5.53 16.15 -13.27
C TYR A 142 5.01 16.63 -11.92
N ASP A 143 3.81 17.20 -11.82
CA ASP A 143 3.31 17.75 -10.57
C ASP A 143 2.42 16.78 -9.83
N THR A 144 2.45 15.49 -10.17
CA THR A 144 1.55 14.50 -9.61
C THR A 144 2.35 13.36 -9.00
N GLU A 145 1.93 12.94 -7.80
CA GLU A 145 2.42 11.72 -7.18
C GLU A 145 1.25 10.75 -7.10
N LYS A 146 1.47 9.53 -7.57
CA LYS A 146 0.40 8.56 -7.65
C LYS A 146 0.93 7.19 -7.27
N LYS A 147 0.11 6.41 -6.57
CA LYS A 147 0.45 5.04 -6.29
C LYS A 147 0.28 4.22 -7.56
N MET A 148 1.37 3.62 -8.03
CA MET A 148 1.31 2.81 -9.23
C MET A 148 1.90 1.44 -8.95
N VAL A 149 2.11 0.67 -10.02
CA VAL A 149 2.85 -0.57 -9.94
C VAL A 149 3.94 -0.52 -11.00
N GLU A 150 4.98 -1.31 -10.77
CA GLU A 150 6.03 -1.54 -11.75
C GLU A 150 5.81 -2.93 -12.34
N ILE A 151 5.52 -2.98 -13.63
CA ILE A 151 5.34 -4.24 -14.32
C ILE A 151 6.67 -4.67 -14.89
N ASN A 152 7.07 -5.91 -14.61
CA ASN A 152 8.37 -6.40 -15.06
C ASN A 152 8.29 -7.91 -15.21
N PHE A 153 9.28 -8.44 -15.93
CA PHE A 153 9.43 -9.88 -16.16
C PHE A 153 8.24 -10.47 -16.90
N LEU A 154 7.62 -9.68 -17.78
CA LEU A 154 6.76 -10.25 -18.80
C LEU A 154 7.57 -11.21 -19.64
N CYS A 155 7.22 -12.49 -19.57
CA CYS A 155 8.02 -13.52 -20.21
C CYS A 155 7.10 -14.61 -20.73
N VAL A 156 7.25 -14.95 -22.00
CA VAL A 156 6.53 -16.04 -22.64
C VAL A 156 7.56 -17.05 -23.12
N HIS A 157 7.35 -18.33 -22.81
CA HIS A 157 8.28 -19.35 -23.24
C HIS A 157 8.44 -19.31 -24.75
N LYS A 158 9.68 -19.57 -25.21
CA LYS A 158 9.98 -19.42 -26.63
C LYS A 158 9.07 -20.28 -27.50
N LYS A 159 8.69 -21.47 -27.02
CA LYS A 159 7.78 -22.31 -27.77
C LYS A 159 6.36 -21.76 -27.83
N LEU A 160 6.04 -20.74 -27.04
CA LEU A 160 4.70 -20.15 -27.00
C LEU A 160 4.63 -18.79 -27.66
N ARG A 161 5.66 -18.40 -28.41
CA ARG A 161 5.75 -17.04 -28.89
C ARG A 161 4.80 -16.80 -30.05
N SER A 162 4.39 -15.54 -30.20
CA SER A 162 3.52 -15.10 -31.30
C SER A 162 2.19 -15.85 -31.29
N LYS A 163 1.72 -16.23 -30.09
CA LYS A 163 0.41 -16.84 -29.93
C LYS A 163 -0.50 -16.00 -29.04
N ARG A 164 -0.23 -14.70 -28.96
CA ARG A 164 -1.07 -13.73 -28.25
C ARG A 164 -1.14 -14.01 -26.74
N VAL A 165 -0.07 -14.55 -26.16
CA VAL A 165 -0.07 -14.76 -24.71
C VAL A 165 0.31 -13.49 -23.97
N ALA A 166 1.14 -12.65 -24.56
CA ALA A 166 1.53 -11.41 -23.90
C ALA A 166 0.35 -10.47 -23.63
N PRO A 167 -0.58 -10.25 -24.56
CA PRO A 167 -1.76 -9.45 -24.20
C PRO A 167 -2.53 -10.02 -23.02
N VAL A 168 -2.58 -11.35 -22.89
CA VAL A 168 -3.34 -11.94 -21.78
C VAL A 168 -2.64 -11.68 -20.46
N LEU A 169 -1.31 -11.86 -20.43
CA LEU A 169 -0.56 -11.54 -19.23
C LEU A 169 -0.70 -10.07 -18.87
N ILE A 170 -0.60 -9.19 -19.86
CA ILE A 170 -0.77 -7.76 -19.61
C ILE A 170 -2.18 -7.47 -19.10
N ARG A 171 -3.19 -8.16 -19.62
CA ARG A 171 -4.56 -7.85 -19.22
C ARG A 171 -4.91 -8.52 -17.90
N GLU A 172 -4.33 -9.69 -17.62
CA GLU A 172 -4.59 -10.35 -16.35
C GLU A 172 -3.88 -9.63 -15.21
N ILE A 173 -2.61 -9.25 -15.41
CA ILE A 173 -1.91 -8.49 -14.39
C ILE A 173 -2.58 -7.13 -14.20
N THR A 174 -3.16 -6.57 -15.27
CA THR A 174 -3.92 -5.33 -15.12
C THR A 174 -5.11 -5.56 -14.20
N ARG A 175 -5.79 -6.70 -14.38
CA ARG A 175 -6.96 -6.99 -13.56
C ARG A 175 -6.59 -7.16 -12.09
N ARG A 176 -5.50 -7.88 -11.83
CA ARG A 176 -5.11 -8.14 -10.45
C ARG A 176 -4.63 -6.87 -9.77
N VAL A 177 -4.14 -5.91 -10.54
CA VAL A 177 -3.76 -4.62 -10.01
C VAL A 177 -4.99 -3.75 -9.81
N HIS A 178 -5.94 -3.83 -10.74
CA HIS A 178 -7.23 -3.15 -10.58
C HIS A 178 -7.94 -3.58 -9.31
N LEU A 179 -7.84 -4.87 -8.96
CA LEU A 179 -8.49 -5.37 -7.75
C LEU A 179 -7.93 -4.71 -6.50
N GLU A 180 -6.64 -4.36 -6.49
CA GLU A 180 -6.01 -3.71 -5.36
C GLU A 180 -6.12 -2.20 -5.42
N GLY A 181 -6.86 -1.66 -6.38
CA GLY A 181 -7.17 -0.25 -6.39
C GLY A 181 -6.22 0.63 -7.16
N ILE A 182 -5.20 0.06 -7.81
CA ILE A 182 -4.21 0.84 -8.56
C ILE A 182 -4.58 0.79 -10.02
N PHE A 183 -4.55 1.95 -10.68
CA PHE A 183 -4.99 2.07 -12.05
C PHE A 183 -3.90 2.56 -13.00
N GLN A 184 -2.77 3.00 -12.48
CA GLN A 184 -1.62 3.34 -13.30
C GLN A 184 -0.53 2.30 -13.09
N ALA A 185 0.34 2.18 -14.08
CA ALA A 185 1.48 1.29 -14.01
C ALA A 185 2.63 1.95 -14.75
N VAL A 186 3.84 1.46 -14.46
CA VAL A 186 5.05 1.92 -15.12
C VAL A 186 5.87 0.69 -15.49
N TYR A 187 6.58 0.79 -16.60
CA TYR A 187 7.36 -0.32 -17.13
C TYR A 187 8.32 0.22 -18.17
N THR A 188 9.36 -0.55 -18.44
CA THR A 188 10.37 -0.20 -19.42
C THR A 188 10.53 -1.35 -20.39
N ALA A 189 11.05 -1.03 -21.58
CA ALA A 189 11.23 -2.04 -22.61
C ALA A 189 12.17 -1.50 -23.67
N GLY A 190 12.84 -2.42 -24.36
CA GLY A 190 13.73 -2.06 -25.45
C GLY A 190 13.05 -1.90 -26.79
N VAL A 191 11.75 -2.19 -26.87
CA VAL A 191 11.00 -2.07 -28.10
C VAL A 191 10.07 -0.87 -27.99
N VAL A 192 9.65 -0.37 -29.13
CA VAL A 192 8.78 0.81 -29.17
C VAL A 192 7.33 0.35 -29.19
N LEU A 193 6.55 0.87 -28.25
CA LEU A 193 5.12 0.64 -28.13
C LEU A 193 4.44 1.98 -27.96
N PRO A 194 3.11 2.04 -28.11
CA PRO A 194 2.43 3.27 -27.70
C PRO A 194 2.34 3.36 -26.18
N LYS A 195 2.88 4.39 -25.54
CA LYS A 195 3.68 5.45 -26.16
C LYS A 195 4.79 5.84 -25.20
N PRO A 196 6.03 5.89 -25.66
CA PRO A 196 7.15 6.19 -24.76
C PRO A 196 7.04 7.60 -24.21
N VAL A 197 7.10 7.71 -22.88
CA VAL A 197 7.21 9.00 -22.23
C VAL A 197 8.66 9.48 -22.21
N GLY A 198 9.62 8.58 -22.41
CA GLY A 198 11.02 8.97 -22.51
C GLY A 198 11.82 7.83 -23.11
N THR A 199 12.89 8.20 -23.78
CA THR A 199 13.80 7.22 -24.39
C THR A 199 15.19 7.44 -23.83
N CYS A 200 15.73 6.39 -23.19
CA CYS A 200 17.08 6.42 -22.65
C CYS A 200 17.96 5.43 -23.38
N ARG A 201 19.25 5.73 -23.40
CA ARG A 201 20.24 4.97 -24.15
C ARG A 201 21.22 4.34 -23.18
N TYR A 202 21.55 3.07 -23.41
CA TYR A 202 22.54 2.41 -22.59
C TYR A 202 23.93 2.74 -23.08
N TRP A 203 24.84 2.95 -22.14
CA TRP A 203 26.25 3.12 -22.42
C TRP A 203 27.02 2.07 -21.63
N HIS A 204 28.21 1.73 -22.11
CA HIS A 204 28.97 0.63 -21.53
C HIS A 204 30.40 1.06 -21.26
N ARG A 205 30.88 0.81 -20.04
CA ARG A 205 32.23 1.15 -19.63
C ARG A 205 32.99 -0.15 -19.38
N SER A 206 33.96 -0.42 -20.25
CA SER A 206 34.68 -1.69 -20.17
C SER A 206 35.62 -1.71 -18.97
N LEU A 207 35.58 -2.80 -18.22
CA LEU A 207 36.46 -3.01 -17.08
C LEU A 207 37.50 -4.10 -17.33
N ASN A 208 37.09 -5.23 -17.91
CA ASN A 208 38.00 -6.29 -18.32
C ASN A 208 37.87 -6.47 -19.82
N PRO A 209 38.58 -5.65 -20.61
CA PRO A 209 38.39 -5.68 -22.06
C PRO A 209 38.69 -7.01 -22.71
N ARG A 210 39.68 -7.75 -22.19
CA ARG A 210 40.04 -9.03 -22.80
C ARG A 210 38.85 -9.98 -22.83
N LYS A 211 38.19 -10.14 -21.69
CA LYS A 211 37.04 -11.04 -21.63
C LYS A 211 35.87 -10.51 -22.47
N LEU A 212 35.59 -9.21 -22.37
CA LEU A 212 34.51 -8.62 -23.15
C LEU A 212 34.73 -8.82 -24.64
N ILE A 213 35.98 -8.68 -25.09
CA ILE A 213 36.27 -8.80 -26.51
C ILE A 213 36.32 -10.28 -26.91
N GLU A 214 36.77 -11.14 -26.00
CA GLU A 214 36.81 -12.57 -26.29
C GLU A 214 35.41 -13.10 -26.63
N VAL A 215 34.43 -12.79 -25.78
CA VAL A 215 33.06 -13.26 -26.02
C VAL A 215 32.32 -12.40 -27.02
N LYS A 216 32.98 -11.42 -27.64
CA LYS A 216 32.39 -10.56 -28.66
C LYS A 216 31.23 -9.74 -28.10
N PHE A 217 31.33 -9.36 -26.83
CA PHE A 217 30.43 -8.35 -26.29
C PHE A 217 30.81 -6.97 -26.82
N SER A 218 32.10 -6.69 -26.91
CA SER A 218 32.63 -5.51 -27.57
C SER A 218 33.64 -5.95 -28.62
N HIS A 219 34.04 -5.00 -29.45
CA HIS A 219 35.11 -5.21 -30.40
C HIS A 219 36.22 -4.20 -30.11
N LEU A 220 37.44 -4.54 -30.52
CA LEU A 220 38.48 -3.53 -30.59
C LEU A 220 38.04 -2.45 -31.58
N SER A 221 38.09 -1.18 -31.16
CA SER A 221 37.89 -0.15 -32.15
C SER A 221 38.94 -0.31 -33.23
N ARG A 222 38.67 0.24 -34.43
CA ARG A 222 39.38 -0.16 -35.66
C ARG A 222 40.87 -0.34 -35.44
N ASN A 223 41.53 0.63 -34.81
CA ASN A 223 42.97 0.60 -34.61
C ASN A 223 43.31 0.74 -33.13
N MET A 224 43.24 -0.39 -32.42
CA MET A 224 43.91 -0.63 -31.15
C MET A 224 44.37 -2.08 -31.17
N THR A 225 45.30 -2.42 -30.27
CA THR A 225 45.64 -3.81 -30.01
C THR A 225 45.03 -4.21 -28.69
N MET A 226 45.05 -5.50 -28.42
CA MET A 226 44.52 -6.02 -27.16
C MET A 226 45.16 -5.33 -25.96
N GLN A 227 46.47 -5.17 -25.99
CA GLN A 227 47.18 -4.56 -24.87
C GLN A 227 47.08 -3.04 -24.85
N ARG A 228 46.82 -2.42 -26.00
CA ARG A 228 46.50 -0.99 -26.00
C ARG A 228 45.12 -0.75 -25.38
N THR A 229 44.14 -1.58 -25.74
CA THR A 229 42.79 -1.36 -25.22
C THR A 229 42.78 -1.38 -23.70
N MET A 230 43.53 -2.29 -23.08
CA MET A 230 43.50 -2.41 -21.62
C MET A 230 44.11 -1.18 -20.95
N LYS A 231 45.13 -0.59 -21.56
CA LYS A 231 45.73 0.62 -20.99
C LYS A 231 44.77 1.81 -21.08
N LEU A 232 43.98 1.89 -22.16
CA LEU A 232 42.98 2.94 -22.27
C LEU A 232 41.96 2.85 -21.14
N TYR A 233 41.48 1.65 -20.84
CA TYR A 233 40.47 1.44 -19.83
C TYR A 233 41.05 1.05 -18.49
N ARG A 234 42.37 1.16 -18.30
CA ARG A 234 42.95 0.82 -17.01
C ARG A 234 42.53 1.82 -15.95
N LEU A 235 42.17 1.31 -14.78
CA LEU A 235 41.66 2.11 -13.69
C LEU A 235 42.62 2.06 -12.50
N PRO A 236 42.57 3.06 -11.62
CA PRO A 236 43.32 2.96 -10.36
C PRO A 236 42.93 1.71 -9.59
N GLU A 237 43.87 1.19 -8.81
CA GLU A 237 43.59 -0.02 -8.06
C GLU A 237 42.67 0.25 -6.86
N THR A 238 42.53 1.51 -6.44
CA THR A 238 41.74 1.87 -5.28
C THR A 238 41.03 3.19 -5.53
N PRO A 239 39.90 3.45 -4.86
CA PRO A 239 39.11 4.65 -5.15
C PRO A 239 39.74 5.94 -4.65
N LYS A 240 39.36 7.04 -5.29
CA LYS A 240 39.97 8.33 -4.99
C LYS A 240 39.34 8.98 -3.75
N THR A 241 38.03 8.82 -3.59
CA THR A 241 37.26 9.68 -2.69
C THR A 241 37.54 9.37 -1.21
N ALA A 242 37.72 10.45 -0.45
CA ALA A 242 37.90 10.39 1.00
C ALA A 242 36.66 9.83 1.69
N GLY A 243 36.88 8.85 2.55
CA GLY A 243 35.81 8.33 3.38
C GLY A 243 34.75 7.57 2.63
N LEU A 244 35.06 7.07 1.44
CA LEU A 244 34.16 6.17 0.75
C LEU A 244 34.12 4.84 1.49
N ARG A 245 32.92 4.37 1.81
CA ARG A 245 32.76 3.15 2.58
C ARG A 245 31.43 2.52 2.23
N PRO A 246 31.29 1.20 2.44
CA PRO A 246 29.99 0.56 2.20
C PRO A 246 28.90 1.18 3.04
N MET A 247 27.70 1.20 2.48
CA MET A 247 26.52 1.63 3.22
C MET A 247 26.25 0.66 4.37
N GLU A 248 25.88 1.22 5.51
CA GLU A 248 25.56 0.45 6.70
C GLU A 248 24.15 0.78 7.16
N THR A 249 23.66 -0.02 8.12
CA THR A 249 22.30 0.14 8.60
C THR A 249 22.04 1.56 9.09
N LYS A 250 23.02 2.17 9.76
CA LYS A 250 22.85 3.52 10.29
C LYS A 250 22.72 4.57 9.19
N ASP A 251 23.06 4.23 7.95
CA ASP A 251 23.00 5.19 6.85
C ASP A 251 21.64 5.21 6.15
N ILE A 252 20.74 4.29 6.49
CA ILE A 252 19.45 4.21 5.80
C ILE A 252 18.70 5.53 5.86
N PRO A 253 18.58 6.23 7.00
CA PRO A 253 17.87 7.53 6.96
C PRO A 253 18.51 8.55 6.04
N VAL A 254 19.83 8.75 6.15
CA VAL A 254 20.47 9.78 5.34
C VAL A 254 20.48 9.39 3.86
N VAL A 255 20.59 8.09 3.56
CA VAL A 255 20.48 7.65 2.18
C VAL A 255 19.10 7.97 1.64
N HIS A 256 18.06 7.72 2.44
CA HIS A 256 16.71 8.11 2.06
C HIS A 256 16.60 9.62 1.89
N GLN A 257 17.25 10.37 2.77
CA GLN A 257 17.16 11.83 2.70
C GLN A 257 17.82 12.35 1.44
N LEU A 258 19.04 11.88 1.15
CA LEU A 258 19.75 12.34 -0.04
C LEU A 258 19.01 11.95 -1.31
N LEU A 259 18.55 10.70 -1.38
CA LEU A 259 17.83 10.25 -2.57
C LEU A 259 16.55 11.04 -2.80
N THR A 260 15.80 11.32 -1.73
CA THR A 260 14.53 12.02 -1.88
C THR A 260 14.74 13.42 -2.45
N ARG A 261 15.69 14.17 -1.88
CA ARG A 261 15.91 15.54 -2.33
C ARG A 261 16.54 15.56 -3.72
N TYR A 262 17.43 14.59 -4.01
CA TYR A 262 18.09 14.58 -5.30
C TYR A 262 17.13 14.29 -6.43
N LEU A 263 16.17 13.38 -6.21
CA LEU A 263 15.24 12.99 -7.25
C LEU A 263 14.24 14.09 -7.61
N LYS A 264 14.13 15.14 -6.81
CA LYS A 264 13.09 16.15 -7.05
C LYS A 264 13.34 16.95 -8.32
N GLN A 265 14.56 16.95 -8.85
CA GLN A 265 14.85 17.73 -10.04
C GLN A 265 14.39 17.04 -11.32
N PHE A 266 14.08 15.76 -11.27
CA PHE A 266 13.62 15.03 -12.44
C PHE A 266 12.10 14.94 -12.46
N HIS A 267 11.58 14.44 -13.59
CA HIS A 267 10.14 14.43 -13.82
C HIS A 267 9.52 13.05 -13.70
N LEU A 268 10.34 12.00 -13.69
CA LEU A 268 9.88 10.63 -13.57
C LEU A 268 10.78 9.93 -12.56
N THR A 269 10.30 9.79 -11.33
CA THR A 269 11.11 9.29 -10.23
C THR A 269 10.24 8.41 -9.36
N PRO A 270 10.82 7.50 -8.59
CA PRO A 270 10.07 6.84 -7.53
C PRO A 270 10.10 7.65 -6.25
N VAL A 271 9.09 7.43 -5.42
CA VAL A 271 8.97 8.08 -4.13
C VAL A 271 9.07 6.98 -3.09
N MET A 272 10.23 6.86 -2.47
CA MET A 272 10.53 5.71 -1.61
C MET A 272 10.32 6.06 -0.15
N SER A 273 9.70 5.15 0.57
CA SER A 273 9.72 5.19 2.03
C SER A 273 11.11 4.83 2.51
N GLN A 274 11.33 5.00 3.82
CA GLN A 274 12.62 4.59 4.37
C GLN A 274 12.77 3.07 4.32
N GLU A 275 11.67 2.33 4.44
CA GLU A 275 11.76 0.88 4.36
C GLU A 275 12.01 0.41 2.93
N GLU A 276 11.46 1.13 1.95
CA GLU A 276 11.76 0.82 0.55
C GLU A 276 13.19 1.16 0.22
N VAL A 277 13.70 2.27 0.75
CA VAL A 277 15.09 2.65 0.55
C VAL A 277 16.01 1.58 1.12
N GLU A 278 15.68 1.05 2.29
CA GLU A 278 16.50 -0.02 2.87
C GLU A 278 16.55 -1.22 1.95
N HIS A 279 15.40 -1.62 1.41
CA HIS A 279 15.36 -2.80 0.56
C HIS A 279 16.19 -2.62 -0.70
N TRP A 280 16.06 -1.46 -1.35
CA TRP A 280 16.64 -1.27 -2.67
C TRP A 280 18.11 -0.89 -2.65
N PHE A 281 18.62 -0.36 -1.54
CA PHE A 281 19.99 0.13 -1.50
C PHE A 281 20.91 -0.61 -0.54
N TYR A 282 20.38 -1.22 0.52
CA TYR A 282 21.24 -1.90 1.47
C TYR A 282 22.01 -3.01 0.78
N PRO A 283 23.34 -3.03 0.86
CA PRO A 283 24.13 -3.92 0.02
C PRO A 283 23.79 -5.39 0.23
N GLN A 284 23.54 -6.07 -0.87
CA GLN A 284 23.46 -7.52 -0.92
C GLN A 284 24.46 -8.02 -1.95
N GLU A 285 25.29 -8.98 -1.53
CA GLU A 285 26.31 -9.54 -2.41
C GLU A 285 25.68 -10.07 -3.69
N ASN A 286 26.35 -9.83 -4.81
CA ASN A 286 25.91 -10.26 -6.14
C ASN A 286 24.53 -9.75 -6.49
N ILE A 287 24.06 -8.71 -5.82
CA ILE A 287 22.74 -8.16 -6.09
C ILE A 287 22.82 -6.65 -6.20
N ILE A 288 23.11 -5.98 -5.08
CA ILE A 288 23.16 -4.53 -5.03
C ILE A 288 24.33 -4.11 -4.16
N ASP A 289 25.05 -3.09 -4.61
CA ASP A 289 26.14 -2.50 -3.84
C ASP A 289 25.88 -1.01 -3.72
N THR A 290 25.99 -0.49 -2.50
CA THR A 290 25.86 0.92 -2.22
C THR A 290 27.04 1.36 -1.38
N PHE A 291 27.69 2.45 -1.79
CA PHE A 291 28.80 3.02 -1.05
C PHE A 291 28.47 4.47 -0.74
N VAL A 292 28.62 4.86 0.52
CA VAL A 292 28.33 6.22 0.93
C VAL A 292 29.64 6.96 1.12
N VAL A 293 29.57 8.27 0.99
CA VAL A 293 30.69 9.16 1.27
C VAL A 293 30.43 9.83 2.61
N GLU A 294 31.20 9.45 3.62
CA GLU A 294 31.15 10.08 4.93
C GLU A 294 32.33 11.04 5.06
N ASN A 295 32.04 12.32 5.28
CA ASN A 295 33.07 13.34 5.19
C ASN A 295 33.83 13.45 6.52
N ALA A 296 34.64 14.50 6.65
CA ALA A 296 35.44 14.69 7.86
C ALA A 296 34.58 15.01 9.08
N ASN A 297 33.33 15.42 8.87
CA ASN A 297 32.43 15.71 9.98
C ASN A 297 31.57 14.52 10.37
N GLY A 298 31.70 13.39 9.69
CA GLY A 298 30.88 12.23 9.95
C GLY A 298 29.53 12.22 9.26
N GLU A 299 29.16 13.31 8.61
CA GLU A 299 27.91 13.35 7.85
C GLU A 299 28.10 12.67 6.51
N VAL A 300 27.06 11.98 6.05
CA VAL A 300 27.06 11.36 4.73
C VAL A 300 26.48 12.34 3.73
N THR A 301 27.27 12.70 2.72
CA THR A 301 26.92 13.74 1.76
C THR A 301 26.63 13.21 0.37
N ASP A 302 27.09 12.02 0.03
CA ASP A 302 26.93 11.47 -1.30
C ASP A 302 26.83 9.96 -1.19
N PHE A 303 26.32 9.33 -2.24
CA PHE A 303 26.43 7.89 -2.36
C PHE A 303 26.34 7.52 -3.83
N LEU A 304 26.89 6.35 -4.13
CA LEU A 304 26.82 5.75 -5.45
C LEU A 304 26.30 4.33 -5.29
N SER A 305 25.63 3.84 -6.32
CA SER A 305 25.11 2.48 -6.26
C SER A 305 25.05 1.89 -7.66
N PHE A 306 25.21 0.58 -7.73
CA PHE A 306 25.05 -0.16 -8.96
C PHE A 306 24.64 -1.58 -8.59
N TYR A 307 23.79 -2.18 -9.42
CA TYR A 307 23.34 -3.53 -9.11
C TYR A 307 24.04 -4.56 -9.98
N THR A 308 24.06 -5.78 -9.47
CA THR A 308 24.72 -6.91 -10.09
C THR A 308 23.69 -7.72 -10.87
N LEU A 309 23.92 -7.87 -12.17
CA LEU A 309 23.05 -8.67 -13.03
C LEU A 309 23.95 -9.29 -14.09
N PRO A 310 24.44 -10.51 -13.86
CA PRO A 310 25.33 -11.14 -14.84
C PRO A 310 24.62 -11.41 -16.16
N SER A 311 25.43 -11.64 -17.18
CA SER A 311 24.97 -11.96 -18.52
C SER A 311 25.46 -13.37 -18.84
N THR A 312 24.57 -14.20 -19.39
CA THR A 312 24.93 -15.53 -19.88
C THR A 312 25.34 -15.42 -21.34
N ILE A 313 26.44 -16.08 -21.69
CA ILE A 313 26.99 -16.03 -23.02
C ILE A 313 26.44 -17.21 -23.78
N MET A 314 25.58 -16.92 -24.75
CA MET A 314 24.76 -17.96 -25.36
C MET A 314 25.58 -18.92 -26.20
N ASN A 315 26.70 -18.46 -26.77
CA ASN A 315 27.63 -19.40 -27.38
C ASN A 315 28.31 -20.27 -26.33
N HIS A 316 28.70 -19.66 -25.21
CA HIS A 316 29.33 -20.37 -24.10
C HIS A 316 30.59 -21.13 -24.53
N LYS A 320 32.33 -18.25 -20.11
CA LYS A 320 31.35 -19.05 -19.38
C LYS A 320 30.28 -18.18 -18.73
N SER A 321 30.66 -17.08 -18.11
CA SER A 321 29.65 -16.15 -17.59
C SER A 321 30.25 -14.77 -17.37
N LEU A 322 29.55 -13.76 -17.89
CA LEU A 322 29.98 -12.36 -17.92
C LEU A 322 29.30 -11.61 -16.77
N LYS A 323 30.09 -11.13 -15.82
CA LYS A 323 29.57 -10.39 -14.67
C LYS A 323 29.53 -8.90 -15.01
N ALA A 324 28.34 -8.32 -15.00
CA ALA A 324 28.14 -6.92 -15.39
C ALA A 324 27.53 -6.13 -14.25
N ALA A 325 27.91 -4.86 -14.15
CA ALA A 325 27.39 -3.95 -13.15
C ALA A 325 26.50 -2.91 -13.82
N TYR A 326 25.37 -2.62 -13.18
CA TYR A 326 24.41 -1.66 -13.70
C TYR A 326 24.25 -0.51 -12.74
N SER A 327 24.57 0.69 -13.19
CA SER A 327 24.32 1.89 -12.41
C SER A 327 22.87 1.92 -11.94
N PHE A 328 22.69 2.26 -10.66
CA PHE A 328 21.36 2.26 -10.06
C PHE A 328 21.03 3.70 -9.69
N TYR A 329 21.29 4.14 -8.46
CA TYR A 329 21.11 5.53 -8.07
C TYR A 329 22.42 6.09 -7.57
N ASN A 330 22.79 7.27 -8.06
CA ASN A 330 24.04 7.92 -7.68
C ASN A 330 23.70 9.36 -7.31
N VAL A 331 23.78 9.67 -6.02
CA VAL A 331 23.40 10.97 -5.49
C VAL A 331 24.67 11.69 -5.06
N HIS A 332 24.78 12.95 -5.49
CA HIS A 332 25.92 13.79 -5.19
C HIS A 332 25.41 15.10 -4.59
N THR A 333 26.07 15.55 -3.52
CA THR A 333 25.83 16.89 -2.97
C THR A 333 27.10 17.69 -2.73
N GLN A 334 28.24 17.03 -2.50
CA GLN A 334 29.49 17.74 -2.24
C GLN A 334 30.62 17.13 -3.04
N THR A 335 30.50 15.87 -3.34
CA THR A 335 31.50 15.20 -4.17
C THR A 335 31.06 15.25 -5.62
N PRO A 336 31.92 15.68 -6.54
CA PRO A 336 31.51 15.73 -7.95
C PRO A 336 31.05 14.38 -8.45
N LEU A 337 29.94 14.39 -9.19
CA LEU A 337 29.40 13.15 -9.77
C LEU A 337 30.43 12.43 -10.63
N LEU A 338 31.25 13.20 -11.37
CA LEU A 338 32.34 12.60 -12.13
C LEU A 338 33.26 11.80 -11.22
N ASP A 339 33.58 12.35 -10.05
CA ASP A 339 34.44 11.62 -9.12
C ASP A 339 33.65 10.55 -8.37
N LEU A 340 32.34 10.74 -8.24
CA LEU A 340 31.51 9.70 -7.65
C LEU A 340 31.43 8.48 -8.58
N MET A 341 31.20 8.71 -9.86
CA MET A 341 31.09 7.60 -10.80
C MET A 341 32.46 7.01 -11.13
N SER A 342 33.52 7.81 -11.09
CA SER A 342 34.86 7.27 -11.24
C SER A 342 35.18 6.30 -10.11
N ASP A 343 34.79 6.65 -8.89
CA ASP A 343 34.94 5.71 -7.77
C ASP A 343 34.08 4.48 -7.99
N ALA A 344 32.90 4.65 -8.58
CA ALA A 344 32.03 3.51 -8.89
C ALA A 344 32.73 2.55 -9.84
N LEU A 345 33.34 3.09 -10.91
CA LEU A 345 34.12 2.27 -11.82
C LEU A 345 35.23 1.52 -11.09
N VAL A 346 35.95 2.22 -10.21
CA VAL A 346 37.04 1.57 -9.48
C VAL A 346 36.49 0.51 -8.54
N LEU A 347 35.42 0.83 -7.80
CA LEU A 347 34.83 -0.13 -6.88
C LEU A 347 34.28 -1.34 -7.63
N ALA A 348 33.62 -1.13 -8.76
CA ALA A 348 33.16 -2.26 -9.56
C ALA A 348 34.34 -3.08 -10.09
N LYS A 349 35.43 -2.40 -10.45
CA LYS A 349 36.60 -3.11 -10.98
C LYS A 349 37.21 -4.03 -9.94
N MET A 350 37.36 -3.53 -8.71
CA MET A 350 37.79 -4.38 -7.61
C MET A 350 36.94 -5.63 -7.48
N LYS A 351 35.62 -5.46 -7.41
CA LYS A 351 34.67 -6.54 -7.18
C LYS A 351 34.65 -7.59 -8.30
N GLY A 352 35.46 -7.43 -9.34
CA GLY A 352 35.58 -8.42 -10.37
C GLY A 352 34.62 -8.26 -11.53
N PHE A 353 33.98 -7.10 -11.66
CA PHE A 353 33.07 -6.89 -12.78
C PHE A 353 33.84 -6.74 -14.08
N ASP A 354 33.23 -7.24 -15.16
CA ASP A 354 33.82 -7.14 -16.49
C ASP A 354 33.39 -5.88 -17.22
N VAL A 355 32.20 -5.34 -16.93
CA VAL A 355 31.71 -4.16 -17.61
C VAL A 355 30.80 -3.41 -16.64
N PHE A 356 30.74 -2.09 -16.81
CA PHE A 356 29.89 -1.22 -16.01
C PHE A 356 28.90 -0.54 -16.94
N ASN A 357 27.62 -0.85 -16.77
CA ASN A 357 26.57 -0.34 -17.63
C ASN A 357 25.80 0.76 -16.93
N ALA A 358 25.38 1.75 -17.71
CA ALA A 358 24.59 2.87 -17.21
C ALA A 358 23.80 3.45 -18.37
N LEU A 359 22.64 4.03 -18.05
CA LEU A 359 21.84 4.73 -19.03
C LEU A 359 22.22 6.21 -19.03
N ASP A 360 21.77 6.93 -20.05
CA ASP A 360 22.07 8.35 -20.19
C ASP A 360 21.01 9.22 -19.53
N LEU A 361 20.32 8.69 -18.53
CA LEU A 361 19.25 9.39 -17.85
C LEU A 361 19.81 10.22 -16.70
N MET A 362 18.93 10.96 -16.05
CA MET A 362 19.26 11.72 -14.84
C MET A 362 20.35 12.72 -15.21
N GLU A 363 21.51 12.73 -14.56
CA GLU A 363 22.63 13.58 -14.96
C GLU A 363 23.70 12.80 -15.69
N ASN A 364 23.41 11.58 -16.13
CA ASN A 364 24.46 10.66 -16.51
C ASN A 364 25.19 11.06 -17.78
N LYS A 365 24.59 11.89 -18.64
CA LYS A 365 25.31 12.29 -19.85
C LYS A 365 26.47 13.22 -19.52
N THR A 366 26.46 13.86 -18.35
CA THR A 366 27.52 14.78 -18.00
C THR A 366 28.84 14.06 -17.75
N PHE A 367 28.83 12.76 -17.48
CA PHE A 367 30.06 12.03 -17.22
C PHE A 367 30.32 10.85 -18.15
N LEU A 368 29.36 10.45 -18.99
CA LEU A 368 29.49 9.20 -19.74
C LEU A 368 30.73 9.21 -20.62
N GLU A 369 30.85 10.21 -21.50
CA GLU A 369 31.98 10.25 -22.42
C GLU A 369 33.29 10.47 -21.67
N LYS A 370 33.28 11.34 -20.65
CA LYS A 370 34.50 11.64 -19.91
C LYS A 370 35.02 10.41 -19.17
N LEU A 371 34.14 9.51 -18.74
CA LEU A 371 34.54 8.30 -18.04
C LEU A 371 34.76 7.12 -18.98
N LYS A 372 34.90 7.39 -20.27
CA LYS A 372 35.22 6.37 -21.28
C LYS A 372 34.10 5.36 -21.47
N PHE A 373 32.87 5.78 -21.22
CA PHE A 373 31.72 4.97 -21.63
C PHE A 373 31.60 4.98 -23.14
N GLY A 374 31.16 3.87 -23.70
CA GLY A 374 30.84 3.78 -25.11
C GLY A 374 29.34 3.56 -25.29
N ILE A 375 28.77 4.23 -26.28
CA ILE A 375 27.34 4.12 -26.52
C ILE A 375 26.98 2.70 -26.91
N GLY A 376 25.81 2.24 -26.46
CA GLY A 376 25.34 0.91 -26.78
C GLY A 376 24.38 0.91 -27.95
N ASP A 377 23.99 -0.31 -28.36
CA ASP A 377 23.08 -0.46 -29.49
C ASP A 377 21.62 -0.61 -29.06
N GLY A 378 21.33 -0.54 -27.78
CA GLY A 378 19.98 -0.72 -27.27
C GLY A 378 19.47 0.53 -26.58
N ASN A 379 18.20 0.84 -26.80
CA ASN A 379 17.49 1.90 -26.10
C ASN A 379 16.60 1.28 -25.03
N LEU A 380 16.23 2.10 -24.06
CA LEU A 380 15.25 1.74 -23.05
C LEU A 380 14.14 2.76 -23.10
N GLN A 381 12.95 2.33 -23.51
CA GLN A 381 11.79 3.18 -23.57
C GLN A 381 11.04 3.10 -22.25
N TYR A 382 10.64 4.26 -21.73
CA TYR A 382 9.87 4.33 -20.50
C TYR A 382 8.41 4.61 -20.84
N TYR A 383 7.51 3.90 -20.14
CA TYR A 383 6.09 3.97 -20.45
C TYR A 383 5.27 4.14 -19.17
N LEU A 384 4.11 4.77 -19.32
CA LEU A 384 3.09 4.82 -18.28
C LEU A 384 1.80 4.23 -18.82
N TYR A 385 1.13 3.44 -17.99
CA TYR A 385 -0.15 2.84 -18.34
C TYR A 385 -1.27 3.69 -17.74
N ASN A 386 -2.24 4.05 -18.56
CA ASN A 386 -3.39 4.85 -18.14
C ASN A 386 -2.96 6.19 -17.57
N TRP A 387 -1.91 6.80 -18.14
CA TRP A 387 -1.49 8.13 -17.72
C TRP A 387 -1.02 8.90 -18.94
N LYS A 388 -1.70 10.01 -19.23
CA LYS A 388 -1.37 10.87 -20.36
C LYS A 388 -0.56 12.05 -19.86
N CYS A 389 0.66 12.21 -20.37
CA CYS A 389 1.55 13.29 -19.97
C CYS A 389 2.53 13.54 -21.10
N PRO A 390 3.09 14.74 -21.19
CA PRO A 390 4.09 15.00 -22.22
C PRO A 390 5.30 14.11 -22.05
N SER A 391 5.95 13.81 -23.17
CA SER A 391 7.20 13.08 -23.11
C SER A 391 8.28 13.96 -22.49
N MET A 392 9.38 13.31 -22.10
CA MET A 392 10.49 14.01 -21.47
C MET A 392 11.80 13.52 -22.08
N GLY A 393 12.82 14.36 -21.97
CA GLY A 393 14.15 13.95 -22.35
C GLY A 393 14.72 12.93 -21.39
N ALA A 394 15.72 12.18 -21.88
CA ALA A 394 16.32 11.13 -21.06
C ALA A 394 16.86 11.68 -19.75
N GLU A 395 17.45 12.88 -19.78
CA GLU A 395 18.04 13.45 -18.58
C GLU A 395 16.99 13.82 -17.54
N LYS A 396 15.70 13.77 -17.87
CA LYS A 396 14.63 13.98 -16.91
C LYS A 396 14.04 12.69 -16.38
N VAL A 397 14.47 11.55 -16.91
CA VAL A 397 14.04 10.24 -16.42
C VAL A 397 14.91 9.87 -15.23
N GLY A 398 14.30 9.70 -14.07
CA GLY A 398 15.02 9.30 -12.89
C GLY A 398 14.50 7.99 -12.32
N LEU A 399 14.18 7.06 -13.21
CA LEU A 399 13.54 5.82 -12.82
C LEU A 399 14.31 4.65 -13.39
N GLY B 10 -10.96 13.42 33.59
CA GLY B 10 -9.73 12.77 33.17
C GLY B 10 -9.60 12.81 31.66
N PRO B 11 -10.45 12.08 30.98
CA PRO B 11 -10.75 12.39 29.58
C PRO B 11 -11.75 13.52 29.51
N ALA B 12 -11.72 14.24 28.38
CA ALA B 12 -12.64 15.33 28.10
C ALA B 12 -13.67 14.85 27.10
N LYS B 13 -14.96 15.08 27.40
CA LYS B 13 -16.01 14.63 26.52
C LYS B 13 -16.78 15.75 25.84
N THR B 14 -16.72 16.97 26.36
CA THR B 14 -17.33 18.12 25.71
C THR B 14 -16.25 19.13 25.33
N MET B 15 -16.60 19.98 24.35
CA MET B 15 -15.66 20.97 23.85
C MET B 15 -15.32 22.01 24.90
N GLU B 16 -16.30 22.43 25.70
CA GLU B 16 -16.00 23.33 26.81
C GLU B 16 -15.10 22.66 27.84
N GLU B 17 -15.38 21.40 28.19
CA GLU B 17 -14.52 20.72 29.16
C GLU B 17 -13.14 20.47 28.58
N ALA B 18 -13.06 20.19 27.29
CA ALA B 18 -11.77 20.06 26.63
C ALA B 18 -11.08 21.40 26.44
N SER B 19 -11.83 22.51 26.47
CA SER B 19 -11.21 23.82 26.28
C SER B 19 -10.37 24.20 27.50
N LYS B 20 -10.81 23.80 28.69
CA LYS B 20 -10.06 24.15 29.90
C LYS B 20 -8.74 23.38 29.96
N ARG B 21 -8.75 22.12 29.56
CA ARG B 21 -7.56 21.28 29.69
C ARG B 21 -6.43 21.80 28.80
N SER B 22 -5.21 21.50 29.23
CA SER B 22 -4.00 21.67 28.44
C SER B 22 -3.48 20.29 28.08
N TYR B 23 -3.13 20.11 26.82
CA TYR B 23 -2.72 18.79 26.31
C TYR B 23 -1.22 18.82 26.12
N GLN B 24 -0.50 18.55 27.22
CA GLN B 24 0.95 18.62 27.21
C GLN B 24 1.56 17.75 26.12
N PHE B 25 0.93 16.63 25.80
CA PHE B 25 1.47 15.78 24.73
C PHE B 25 0.94 16.21 23.37
N TRP B 26 -0.38 16.43 23.27
CA TRP B 26 -0.96 16.69 21.97
C TRP B 26 -0.57 18.06 21.43
N ASP B 27 -0.19 18.99 22.31
CA ASP B 27 0.33 20.27 21.84
C ASP B 27 1.63 20.10 21.07
N THR B 28 2.33 18.98 21.28
CA THR B 28 3.58 18.71 20.57
C THR B 28 3.37 18.01 19.23
N GLN B 29 2.13 17.53 18.94
CA GLN B 29 1.84 16.73 17.75
C GLN B 29 1.29 17.60 16.63
N PRO B 30 1.45 17.14 15.37
CA PRO B 30 0.92 17.92 14.24
C PRO B 30 -0.59 17.83 14.11
N VAL B 31 -1.32 18.40 15.06
CA VAL B 31 -2.78 18.46 14.99
C VAL B 31 -3.21 19.88 15.30
N PRO B 32 -4.32 20.37 14.74
CA PRO B 32 -4.76 21.72 15.03
C PRO B 32 -5.12 21.89 16.50
N LYS B 33 -5.04 23.14 16.96
CA LYS B 33 -5.46 23.43 18.32
C LYS B 33 -6.98 23.45 18.39
N LEU B 34 -7.51 23.05 19.55
CA LEU B 34 -8.93 23.14 19.79
C LEU B 34 -9.38 24.59 19.73
N GLY B 35 -10.50 24.83 19.06
CA GLY B 35 -11.02 26.17 18.89
C GLY B 35 -10.38 26.95 17.76
N GLU B 36 -9.19 26.56 17.30
CA GLU B 36 -8.62 27.16 16.11
C GLU B 36 -9.55 26.93 14.92
N VAL B 37 -9.90 28.01 14.23
CA VAL B 37 -10.69 27.91 13.02
C VAL B 37 -9.76 27.62 11.86
N VAL B 38 -10.07 26.57 11.10
CA VAL B 38 -9.19 26.06 10.05
C VAL B 38 -9.79 26.38 8.70
N ASN B 39 -9.03 27.08 7.87
CA ASN B 39 -9.46 27.45 6.52
C ASN B 39 -8.52 26.96 5.43
N THR B 40 -7.60 26.06 5.77
CA THR B 40 -6.63 25.53 4.82
C THR B 40 -6.76 24.03 4.75
N HIS B 41 -6.13 23.45 3.72
CA HIS B 41 -6.15 22.02 3.49
C HIS B 41 -4.72 21.56 3.22
N GLY B 42 -4.20 20.70 4.09
CA GLY B 42 -2.89 20.14 3.91
C GLY B 42 -2.23 19.71 5.19
N PRO B 43 -1.01 19.18 5.08
CA PRO B 43 -0.31 18.68 6.27
C PRO B 43 0.17 19.80 7.17
N VAL B 44 0.31 19.47 8.46
CA VAL B 44 0.75 20.45 9.44
C VAL B 44 2.26 20.60 9.38
N GLU B 45 2.97 19.54 9.04
CA GLU B 45 4.42 19.50 9.05
C GLU B 45 4.89 18.76 7.81
N PRO B 46 6.10 19.03 7.35
CA PRO B 46 6.63 18.30 6.19
C PRO B 46 6.83 16.83 6.48
N ASP B 47 6.84 16.05 5.41
CA ASP B 47 7.20 14.64 5.53
C ASP B 47 8.65 14.51 5.96
N LYS B 48 8.89 13.61 6.90
CA LYS B 48 10.24 13.28 7.32
C LYS B 48 10.92 12.48 6.22
N ASP B 49 12.02 13.00 5.67
CA ASP B 49 12.94 12.22 4.85
C ASP B 49 13.99 11.53 5.71
N ASN B 50 13.81 11.56 7.02
CA ASN B 50 14.76 11.06 8.01
C ASN B 50 13.89 10.46 9.10
N ILE B 51 13.90 9.14 9.27
CA ILE B 51 13.02 8.55 10.27
C ILE B 51 13.86 7.79 11.28
N ARG B 52 13.61 8.11 12.55
CA ARG B 52 14.16 7.38 13.68
C ARG B 52 14.18 5.89 13.44
N GLN B 53 15.37 5.32 13.47
CA GLN B 53 15.50 3.88 13.36
C GLN B 53 15.31 3.16 14.68
N GLU B 54 15.49 3.84 15.76
CA GLU B 54 15.42 3.16 17.04
C GLU B 54 14.07 3.40 17.69
N PRO B 55 13.45 2.36 18.23
CA PRO B 55 12.16 2.55 18.90
C PRO B 55 12.28 3.51 20.07
N TYR B 56 11.18 4.20 20.36
CA TYR B 56 11.17 5.13 21.48
C TYR B 56 11.36 4.38 22.79
N THR B 57 11.90 5.10 23.77
CA THR B 57 12.21 4.49 25.06
C THR B 57 10.94 4.31 25.88
N LEU B 58 10.75 3.11 26.40
CA LEU B 58 9.67 2.82 27.33
C LEU B 58 10.15 2.95 28.76
N PRO B 59 9.25 3.17 29.72
CA PRO B 59 9.66 3.17 31.11
C PRO B 59 10.27 1.84 31.51
N GLN B 60 11.10 1.87 32.55
CA GLN B 60 11.85 0.68 32.95
C GLN B 60 10.91 -0.48 33.24
N GLY B 61 11.34 -1.67 32.87
CA GLY B 61 10.55 -2.86 33.07
C GLY B 61 9.59 -3.21 31.96
N PHE B 62 9.61 -2.46 30.85
CA PHE B 62 8.71 -2.70 29.74
C PHE B 62 9.49 -2.71 28.43
N THR B 63 8.97 -3.45 27.46
CA THR B 63 9.64 -3.63 26.18
C THR B 63 8.60 -3.73 25.08
N TRP B 64 9.02 -3.42 23.87
CA TRP B 64 8.15 -3.50 22.71
C TRP B 64 8.06 -4.94 22.20
N ASP B 65 6.96 -5.25 21.53
CA ASP B 65 6.78 -6.57 20.93
C ASP B 65 5.69 -6.52 19.88
N ALA B 66 6.04 -6.79 18.63
CA ALA B 66 5.05 -6.90 17.57
C ALA B 66 4.29 -8.22 17.70
N LEU B 67 2.97 -8.14 17.61
CA LEU B 67 2.11 -9.29 17.90
C LEU B 67 1.77 -10.02 16.61
N ASP B 68 2.14 -11.30 16.55
CA ASP B 68 1.73 -12.18 15.46
C ASP B 68 0.33 -12.68 15.77
N LEU B 69 -0.68 -12.02 15.21
CA LEU B 69 -2.06 -12.41 15.48
C LEU B 69 -2.42 -13.76 14.87
N GLY B 70 -1.61 -14.29 13.95
CA GLY B 70 -1.76 -15.67 13.54
C GLY B 70 -1.34 -16.66 14.61
N ASP B 71 -0.54 -16.22 15.58
CA ASP B 71 -0.22 -17.02 16.75
C ASP B 71 -1.45 -17.02 17.67
N ARG B 72 -2.03 -18.20 17.87
CA ARG B 72 -3.27 -18.30 18.63
C ARG B 72 -3.10 -17.80 20.05
N GLY B 73 -1.95 -18.07 20.66
CA GLY B 73 -1.71 -17.62 22.03
C GLY B 73 -1.51 -16.12 22.13
N VAL B 74 -0.82 -15.54 21.15
CA VAL B 74 -0.63 -14.10 21.12
C VAL B 74 -1.97 -13.40 20.90
N LEU B 75 -2.76 -13.90 19.95
CA LEU B 75 -4.09 -13.34 19.72
C LEU B 75 -4.95 -13.49 20.97
N LYS B 76 -4.78 -14.59 21.71
CA LYS B 76 -5.49 -14.76 22.97
C LYS B 76 -5.08 -13.70 23.98
N GLU B 77 -3.78 -13.41 24.06
CA GLU B 77 -3.31 -12.35 24.94
C GLU B 77 -3.88 -11.01 24.53
N LEU B 78 -4.08 -10.79 23.23
CA LEU B 78 -4.55 -9.49 22.77
C LEU B 78 -6.01 -9.27 23.16
N TYR B 79 -6.89 -10.23 22.86
CA TYR B 79 -8.28 -10.03 23.22
C TYR B 79 -8.47 -10.12 24.74
N THR B 80 -7.61 -10.86 25.43
CA THR B 80 -7.67 -10.87 26.88
C THR B 80 -7.34 -9.51 27.45
N LEU B 81 -6.43 -8.77 26.81
CA LEU B 81 -6.16 -7.40 27.24
C LEU B 81 -7.34 -6.49 26.92
N LEU B 82 -7.86 -6.58 25.70
CA LEU B 82 -8.92 -5.68 25.27
C LEU B 82 -10.23 -5.94 26.01
N ASN B 83 -10.57 -7.21 26.22
CA ASN B 83 -11.85 -7.49 26.87
C ASN B 83 -11.86 -7.03 28.32
N GLU B 84 -10.69 -6.84 28.91
CA GLU B 84 -10.57 -6.45 30.31
C GLU B 84 -10.06 -5.02 30.51
N ASN B 85 -9.57 -4.35 29.46
CA ASN B 85 -8.97 -3.04 29.65
C ASN B 85 -9.34 -2.02 28.57
N TYR B 86 -10.31 -2.30 27.70
CA TYR B 86 -10.52 -1.44 26.54
C TYR B 86 -11.67 -0.46 26.82
N VAL B 87 -12.28 0.05 25.75
CA VAL B 87 -13.22 1.16 25.87
C VAL B 87 -14.40 0.76 26.72
N GLU B 88 -14.75 1.63 27.66
CA GLU B 88 -15.91 1.42 28.51
C GLU B 88 -16.94 2.52 28.27
N ASP B 89 -18.15 2.27 28.75
CA ASP B 89 -19.17 3.30 28.70
C ASP B 89 -18.93 4.31 29.83
N ASP B 90 -19.74 5.37 29.81
CA ASP B 90 -19.55 6.45 30.77
C ASP B 90 -19.67 5.97 32.20
N ASP B 91 -20.55 5.02 32.47
CA ASP B 91 -20.87 4.58 33.83
C ASP B 91 -20.13 3.30 34.21
N ASN B 92 -19.15 2.89 33.41
CA ASN B 92 -18.37 1.68 33.68
C ASN B 92 -19.28 0.49 33.95
N MET B 93 -20.31 0.34 33.11
CA MET B 93 -21.25 -0.77 33.20
C MET B 93 -21.08 -1.80 32.09
N PHE B 94 -20.52 -1.42 30.94
CA PHE B 94 -20.44 -2.32 29.80
C PHE B 94 -19.10 -2.17 29.11
N ARG B 95 -18.57 -3.28 28.60
CA ARG B 95 -17.33 -3.31 27.87
C ARG B 95 -17.51 -4.15 26.62
N PHE B 96 -16.99 -3.67 25.49
CA PHE B 96 -16.97 -4.43 24.25
C PHE B 96 -16.31 -5.79 24.50
N ASP B 97 -16.85 -6.85 23.87
CA ASP B 97 -16.37 -8.21 24.10
C ASP B 97 -15.78 -8.77 22.82
N TYR B 98 -14.50 -8.47 22.58
CA TYR B 98 -13.88 -8.78 21.29
C TYR B 98 -13.56 -10.27 21.17
N SER B 99 -13.94 -10.86 20.05
CA SER B 99 -13.60 -12.24 19.73
C SER B 99 -12.27 -12.27 18.98
N PRO B 100 -11.60 -13.44 18.96
CA PRO B 100 -10.36 -13.53 18.16
C PRO B 100 -10.59 -13.22 16.70
N GLU B 101 -11.68 -13.73 16.13
CA GLU B 101 -11.94 -13.54 14.70
C GLU B 101 -12.34 -12.10 14.39
N PHE B 102 -13.00 -11.42 15.33
CA PHE B 102 -13.31 -10.01 15.11
C PHE B 102 -12.03 -9.18 15.03
N LEU B 103 -11.07 -9.46 15.91
CA LEU B 103 -9.80 -8.75 15.86
C LEU B 103 -9.06 -9.07 14.56
N LEU B 104 -9.09 -10.33 14.13
CA LEU B 104 -8.49 -10.68 12.85
C LEU B 104 -9.17 -9.92 11.71
N TRP B 105 -10.47 -9.71 11.81
CA TRP B 105 -11.18 -8.96 10.79
C TRP B 105 -10.76 -7.50 10.80
N ALA B 106 -10.59 -6.93 11.99
CA ALA B 106 -10.29 -5.51 12.10
C ALA B 106 -8.80 -5.23 11.94
N LEU B 107 -7.94 -6.20 12.26
CA LEU B 107 -6.51 -5.95 12.32
C LEU B 107 -5.71 -6.58 11.18
N ARG B 108 -6.33 -7.41 10.34
CA ARG B 108 -5.65 -7.97 9.17
C ARG B 108 -6.44 -7.71 7.88
N PRO B 109 -6.74 -6.44 7.57
CA PRO B 109 -7.32 -6.14 6.28
C PRO B 109 -6.25 -6.19 5.20
N PRO B 110 -6.63 -6.03 3.93
CA PRO B 110 -5.60 -6.00 2.89
C PRO B 110 -4.52 -4.96 3.17
N GLY B 111 -3.27 -5.40 3.08
CA GLY B 111 -2.15 -4.51 3.28
C GLY B 111 -1.67 -4.37 4.71
N TRP B 112 -2.25 -5.11 5.65
CA TRP B 112 -1.84 -5.02 7.04
C TRP B 112 -0.38 -5.42 7.19
N LEU B 113 0.28 -4.83 8.19
CA LEU B 113 1.69 -5.10 8.42
C LEU B 113 1.92 -5.61 9.84
N PRO B 114 2.77 -6.62 10.01
CA PRO B 114 2.97 -7.19 11.36
C PRO B 114 3.59 -6.22 12.35
N GLN B 115 4.52 -5.36 11.90
CA GLN B 115 5.10 -4.38 12.81
C GLN B 115 4.09 -3.31 13.24
N TRP B 116 2.94 -3.23 12.58
CA TRP B 116 1.91 -2.29 12.95
C TRP B 116 0.98 -2.85 14.04
N HIS B 117 1.26 -4.05 14.54
CA HIS B 117 0.58 -4.59 15.71
C HIS B 117 1.52 -4.42 16.90
N CYS B 118 1.52 -3.22 17.46
CA CYS B 118 2.58 -2.75 18.35
C CYS B 118 2.14 -2.94 19.80
N GLY B 119 2.75 -3.92 20.47
CA GLY B 119 2.43 -4.22 21.85
C GLY B 119 3.52 -3.81 22.83
N VAL B 120 3.12 -3.71 24.09
CA VAL B 120 4.02 -3.42 25.20
C VAL B 120 3.91 -4.56 26.20
N ARG B 121 5.05 -5.11 26.58
CA ARG B 121 5.12 -6.26 27.48
C ARG B 121 5.84 -5.89 28.77
N VAL B 122 5.41 -6.51 29.87
CA VAL B 122 6.23 -6.52 31.08
C VAL B 122 7.41 -7.45 30.85
N VAL B 123 8.62 -6.96 31.17
CA VAL B 123 9.84 -7.67 30.78
C VAL B 123 9.93 -9.02 31.49
N SER B 124 9.66 -9.03 32.79
CA SER B 124 9.95 -10.21 33.59
C SER B 124 9.00 -11.38 33.29
N SER B 125 7.72 -11.08 33.08
CA SER B 125 6.73 -12.12 32.83
C SER B 125 6.33 -12.26 31.36
N ARG B 126 6.77 -11.34 30.50
CA ARG B 126 6.30 -11.24 29.11
C ARG B 126 4.79 -11.05 29.03
N LYS B 127 4.18 -10.51 30.07
CA LYS B 127 2.74 -10.26 30.07
C LYS B 127 2.43 -9.00 29.28
N LEU B 128 1.42 -9.08 28.43
CA LEU B 128 1.05 -7.97 27.56
C LEU B 128 0.24 -6.95 28.34
N VAL B 129 0.70 -5.69 28.35
CA VAL B 129 0.05 -4.64 29.12
C VAL B 129 -0.26 -3.41 28.29
N GLY B 130 0.04 -3.41 27.00
CA GLY B 130 -0.27 -2.26 26.16
C GLY B 130 -0.31 -2.67 24.71
N PHE B 131 -1.00 -1.84 23.91
CA PHE B 131 -1.15 -2.16 22.51
C PHE B 131 -1.63 -0.93 21.75
N ILE B 132 -1.27 -0.89 20.47
CA ILE B 132 -1.79 0.10 19.53
C ILE B 132 -1.58 -0.48 18.14
N SER B 133 -2.45 -0.11 17.20
CA SER B 133 -2.45 -0.74 15.89
C SER B 133 -2.61 0.30 14.80
N ALA B 134 -2.10 -0.05 13.62
CA ALA B 134 -2.32 0.70 12.39
C ALA B 134 -2.70 -0.29 11.29
N ILE B 135 -3.64 0.12 10.45
CA ILE B 135 -3.96 -0.62 9.23
C ILE B 135 -4.00 0.37 8.09
N PRO B 136 -3.61 -0.01 6.88
CA PRO B 136 -3.56 0.95 5.77
C PRO B 136 -4.95 1.30 5.28
N ALA B 137 -5.12 2.55 4.86
CA ALA B 137 -6.43 3.04 4.46
C ALA B 137 -6.26 4.23 3.54
N ASN B 138 -6.80 4.13 2.34
CA ASN B 138 -6.85 5.28 1.45
C ASN B 138 -8.04 6.15 1.85
N ILE B 139 -7.78 7.40 2.19
CA ILE B 139 -8.79 8.28 2.77
C ILE B 139 -9.09 9.41 1.80
N HIS B 140 -10.37 9.67 1.57
CA HIS B 140 -10.83 10.83 0.82
C HIS B 140 -11.29 11.88 1.81
N ILE B 141 -10.61 13.02 1.85
CA ILE B 141 -10.96 14.11 2.76
C ILE B 141 -11.09 15.38 1.93
N TYR B 142 -12.32 15.87 1.77
CA TYR B 142 -12.65 16.98 0.88
C TYR B 142 -12.14 16.70 -0.52
N ASP B 143 -11.20 17.51 -1.02
CA ASP B 143 -10.74 17.39 -2.39
C ASP B 143 -9.44 16.59 -2.51
N THR B 144 -9.06 15.85 -1.47
CA THR B 144 -7.77 15.17 -1.45
C THR B 144 -7.97 13.68 -1.22
N GLU B 145 -7.28 12.87 -2.01
CA GLU B 145 -7.22 11.43 -1.84
C GLU B 145 -5.80 11.10 -1.42
N LYS B 146 -5.64 10.61 -0.19
CA LYS B 146 -4.33 10.40 0.39
C LYS B 146 -4.28 9.06 1.10
N LYS B 147 -3.15 8.37 0.98
CA LYS B 147 -2.96 7.13 1.69
C LYS B 147 -2.63 7.43 3.16
N MET B 148 -3.44 6.88 4.07
CA MET B 148 -3.20 7.05 5.49
C MET B 148 -3.17 5.71 6.20
N VAL B 149 -3.12 5.74 7.52
CA VAL B 149 -3.36 4.56 8.34
C VAL B 149 -4.49 4.88 9.30
N GLU B 150 -5.11 3.82 9.81
CA GLU B 150 -6.16 3.94 10.81
C GLU B 150 -5.63 3.37 12.12
N ILE B 151 -5.56 4.22 13.14
CA ILE B 151 -5.06 3.80 14.43
C ILE B 151 -6.24 3.37 15.30
N ASN B 152 -6.15 2.17 15.85
CA ASN B 152 -7.24 1.61 16.63
C ASN B 152 -6.67 0.79 17.76
N PHE B 153 -7.51 0.52 18.77
CA PHE B 153 -7.18 -0.36 19.88
C PHE B 153 -6.00 0.14 20.69
N LEU B 154 -5.84 1.46 20.80
CA LEU B 154 -4.95 2.02 21.79
C LEU B 154 -5.43 1.58 23.17
N CYS B 155 -4.58 0.83 23.88
CA CYS B 155 -5.01 0.24 25.13
C CYS B 155 -3.83 0.18 26.08
N VAL B 156 -4.02 0.69 27.29
CA VAL B 156 -3.05 0.59 28.37
C VAL B 156 -3.72 -0.14 29.52
N HIS B 157 -3.07 -1.20 30.02
CA HIS B 157 -3.63 -1.99 31.11
C HIS B 157 -3.95 -1.08 32.31
N LYS B 158 -5.02 -1.43 33.02
CA LYS B 158 -5.47 -0.62 34.16
C LYS B 158 -4.35 -0.41 35.17
N LYS B 159 -3.47 -1.40 35.33
CA LYS B 159 -2.29 -1.23 36.16
C LYS B 159 -1.46 -0.01 35.79
N LEU B 160 -1.43 0.35 34.51
CA LEU B 160 -0.47 1.30 33.98
C LEU B 160 -1.09 2.63 33.57
N ARG B 161 -2.34 2.87 33.96
CA ARG B 161 -3.00 4.11 33.62
C ARG B 161 -2.26 5.29 34.24
N SER B 162 -2.16 6.37 33.47
CA SER B 162 -1.69 7.67 33.94
C SER B 162 -0.19 7.65 34.28
N LYS B 163 0.55 6.68 33.73
CA LYS B 163 2.01 6.68 33.78
C LYS B 163 2.64 7.26 32.52
N ARG B 164 1.84 7.82 31.61
CA ARG B 164 2.33 8.42 30.38
C ARG B 164 2.92 7.36 29.45
N VAL B 165 2.23 6.23 29.36
CA VAL B 165 2.60 5.19 28.41
C VAL B 165 1.87 5.40 27.08
N ALA B 166 0.68 6.00 27.10
CA ALA B 166 -0.04 6.23 25.85
C ALA B 166 0.69 7.18 24.91
N PRO B 167 1.28 8.30 25.36
CA PRO B 167 2.07 9.11 24.42
C PRO B 167 3.19 8.33 23.76
N VAL B 168 3.80 7.38 24.47
CA VAL B 168 4.89 6.60 23.90
C VAL B 168 4.37 5.69 22.80
N LEU B 169 3.23 5.05 23.03
CA LEU B 169 2.62 4.20 22.01
C LEU B 169 2.27 5.00 20.76
N ILE B 170 1.72 6.21 20.95
CA ILE B 170 1.39 7.05 19.81
C ILE B 170 2.65 7.43 19.03
N ARG B 171 3.73 7.77 19.74
CA ARG B 171 4.97 8.13 19.07
C ARG B 171 5.60 6.94 18.37
N GLU B 172 5.48 5.75 18.96
CA GLU B 172 6.12 4.58 18.37
C GLU B 172 5.38 4.08 17.15
N ILE B 173 4.05 4.04 17.21
CA ILE B 173 3.30 3.66 16.01
C ILE B 173 3.44 4.73 14.94
N THR B 174 3.56 6.00 15.34
CA THR B 174 3.87 7.05 14.38
C THR B 174 5.21 6.80 13.71
N ARG B 175 6.21 6.44 14.50
CA ARG B 175 7.52 6.12 13.94
C ARG B 175 7.44 4.91 13.02
N ARG B 176 6.72 3.87 13.44
CA ARG B 176 6.62 2.67 12.62
C ARG B 176 5.81 2.91 11.35
N VAL B 177 4.85 3.83 11.39
CA VAL B 177 4.12 4.20 10.19
C VAL B 177 4.96 5.10 9.31
N HIS B 178 5.72 6.01 9.90
CA HIS B 178 6.59 6.89 9.12
C HIS B 178 7.63 6.10 8.35
N LEU B 179 8.11 5.00 8.93
CA LEU B 179 9.06 4.14 8.21
C LEU B 179 8.48 3.60 6.91
N GLU B 180 7.17 3.43 6.85
CA GLU B 180 6.51 2.93 5.65
C GLU B 180 6.04 4.04 4.73
N GLY B 181 6.35 5.29 5.05
CA GLY B 181 6.14 6.37 4.12
C GLY B 181 4.81 7.08 4.24
N ILE B 182 4.02 6.76 5.25
CA ILE B 182 2.71 7.38 5.46
C ILE B 182 2.84 8.41 6.56
N PHE B 183 2.31 9.62 6.31
CA PHE B 183 2.47 10.76 7.20
C PHE B 183 1.14 11.34 7.67
N GLN B 184 0.02 10.69 7.35
CA GLN B 184 -1.27 11.08 7.88
C GLN B 184 -1.96 9.84 8.45
N ALA B 185 -2.82 10.07 9.44
CA ALA B 185 -3.54 8.98 10.05
C ALA B 185 -4.95 9.44 10.37
N VAL B 186 -5.83 8.47 10.60
CA VAL B 186 -7.21 8.74 10.94
C VAL B 186 -7.60 7.78 12.06
N TYR B 187 -8.39 8.28 13.01
CA TYR B 187 -8.70 7.51 14.20
C TYR B 187 -9.92 8.13 14.85
N THR B 188 -10.58 7.35 15.71
CA THR B 188 -11.77 7.79 16.39
C THR B 188 -11.61 7.59 17.89
N ALA B 189 -12.39 8.36 18.66
CA ALA B 189 -12.36 8.28 20.10
C ALA B 189 -13.62 8.93 20.65
N GLY B 190 -14.03 8.49 21.83
CA GLY B 190 -15.16 9.09 22.52
C GLY B 190 -14.82 10.33 23.31
N VAL B 191 -13.55 10.71 23.34
CA VAL B 191 -13.09 11.85 24.11
C VAL B 191 -12.63 12.93 23.15
N VAL B 192 -12.68 14.17 23.61
CA VAL B 192 -12.26 15.30 22.79
C VAL B 192 -10.78 15.54 23.00
N LEU B 193 -10.02 15.48 21.91
CA LEU B 193 -8.60 15.76 21.86
C LEU B 193 -8.39 16.83 20.80
N PRO B 194 -7.19 17.44 20.73
CA PRO B 194 -6.98 18.29 19.57
C PRO B 194 -6.75 17.44 18.33
N LYS B 195 -7.55 17.59 17.27
CA LYS B 195 -8.75 18.42 17.24
C LYS B 195 -9.74 17.72 16.31
N PRO B 196 -10.96 17.53 16.78
CA PRO B 196 -11.93 16.76 15.97
C PRO B 196 -12.27 17.47 14.68
N VAL B 197 -12.18 16.74 13.57
CA VAL B 197 -12.68 17.25 12.30
C VAL B 197 -14.18 17.03 12.18
N GLY B 198 -14.74 16.12 12.96
CA GLY B 198 -16.16 15.92 13.00
C GLY B 198 -16.55 15.16 14.26
N THR B 199 -17.75 15.44 14.76
CA THR B 199 -18.26 14.81 15.97
C THR B 199 -19.60 14.16 15.67
N CYS B 200 -19.68 12.85 15.87
CA CYS B 200 -20.89 12.09 15.63
C CYS B 200 -21.40 11.50 16.94
N ARG B 201 -22.71 11.33 17.01
CA ARG B 201 -23.40 10.83 18.19
C ARG B 201 -24.01 9.48 17.89
N TYR B 202 -23.84 8.53 18.81
CA TYR B 202 -24.46 7.23 18.67
C TYR B 202 -25.94 7.30 19.05
N TRP B 203 -26.77 6.60 18.27
CA TRP B 203 -28.16 6.36 18.60
C TRP B 203 -28.36 4.86 18.77
N HIS B 204 -29.39 4.50 19.54
CA HIS B 204 -29.59 3.11 19.90
C HIS B 204 -31.04 2.74 19.66
N ARG B 205 -31.26 1.67 18.89
CA ARG B 205 -32.59 1.19 18.57
C ARG B 205 -32.79 -0.13 19.30
N SER B 206 -33.73 -0.15 20.24
CA SER B 206 -33.99 -1.35 21.03
C SER B 206 -34.58 -2.44 20.16
N LEU B 207 -34.03 -3.64 20.24
CA LEU B 207 -34.59 -4.81 19.58
C LEU B 207 -35.27 -5.73 20.58
N ASN B 208 -34.59 -6.00 21.71
CA ASN B 208 -35.17 -6.73 22.84
C ASN B 208 -35.18 -5.77 24.02
N PRO B 209 -36.17 -4.88 24.10
CA PRO B 209 -36.18 -3.88 25.19
C PRO B 209 -36.19 -4.51 26.56
N ARG B 210 -36.79 -5.69 26.72
CA ARG B 210 -36.84 -6.32 28.03
C ARG B 210 -35.44 -6.71 28.50
N LYS B 211 -34.63 -7.26 27.60
CA LYS B 211 -33.27 -7.63 27.98
C LYS B 211 -32.40 -6.39 28.18
N LEU B 212 -32.55 -5.39 27.32
CA LEU B 212 -31.72 -4.20 27.41
C LEU B 212 -32.00 -3.41 28.69
N ILE B 213 -33.27 -3.30 29.07
CA ILE B 213 -33.61 -2.51 30.24
C ILE B 213 -33.34 -3.29 31.51
N GLU B 214 -33.49 -4.61 31.46
CA GLU B 214 -33.19 -5.47 32.60
C GLU B 214 -31.79 -5.22 33.13
N VAL B 215 -30.80 -5.22 32.24
CA VAL B 215 -29.39 -5.13 32.62
C VAL B 215 -28.93 -3.68 32.71
N LYS B 216 -29.87 -2.75 32.63
CA LYS B 216 -29.60 -1.30 32.76
C LYS B 216 -28.83 -0.75 31.58
N PHE B 217 -29.03 -1.30 30.38
CA PHE B 217 -28.46 -0.69 29.19
C PHE B 217 -29.33 0.47 28.71
N SER B 218 -30.64 0.26 28.68
CA SER B 218 -31.59 1.31 28.44
C SER B 218 -32.54 1.40 29.63
N HIS B 219 -33.21 2.54 29.71
CA HIS B 219 -34.19 2.79 30.77
C HIS B 219 -35.60 2.62 30.22
N LEU B 220 -36.53 2.36 31.14
CA LEU B 220 -37.92 2.54 30.78
C LEU B 220 -38.10 4.00 30.41
N SER B 221 -38.94 4.22 29.39
CA SER B 221 -38.83 5.34 28.46
C SER B 221 -39.87 6.42 28.78
N ARG B 222 -39.49 7.69 28.59
CA ARG B 222 -40.28 8.88 28.95
C ARG B 222 -40.92 8.58 30.29
N ASN B 223 -42.22 8.38 30.36
CA ASN B 223 -42.79 7.44 31.32
C ASN B 223 -43.95 6.71 30.68
N MET B 224 -43.84 5.38 30.71
CA MET B 224 -44.68 4.37 30.08
C MET B 224 -44.14 3.03 30.52
N THR B 225 -44.94 1.99 30.29
CA THR B 225 -44.72 0.69 30.92
C THR B 225 -43.98 -0.28 30.01
N MET B 226 -43.47 -1.35 30.63
CA MET B 226 -42.86 -2.46 29.88
C MET B 226 -43.82 -3.03 28.86
N GLN B 227 -45.10 -3.13 29.22
CA GLN B 227 -46.12 -3.61 28.29
C GLN B 227 -46.11 -2.78 27.01
N ARG B 228 -46.08 -1.45 27.14
CA ARG B 228 -46.11 -0.60 25.96
C ARG B 228 -44.76 -0.56 25.25
N THR B 229 -43.67 -0.50 26.03
CA THR B 229 -42.34 -0.44 25.44
C THR B 229 -42.09 -1.65 24.54
N MET B 230 -42.46 -2.85 25.00
CA MET B 230 -42.31 -4.04 24.16
C MET B 230 -43.16 -3.93 22.90
N LYS B 231 -44.36 -3.38 23.02
CA LYS B 231 -45.20 -3.21 21.83
C LYS B 231 -44.61 -2.15 20.91
N LEU B 232 -44.11 -1.05 21.52
CA LEU B 232 -43.60 0.06 20.73
C LEU B 232 -42.49 -0.37 19.78
N TYR B 233 -41.55 -1.16 20.28
CA TYR B 233 -40.36 -1.54 19.53
C TYR B 233 -40.49 -2.88 18.83
N ARG B 234 -41.66 -3.51 18.86
CA ARG B 234 -41.79 -4.80 18.19
C ARG B 234 -41.73 -4.61 16.68
N LEU B 235 -41.00 -5.50 16.01
CA LEU B 235 -40.69 -5.38 14.60
C LEU B 235 -41.34 -6.51 13.81
N PRO B 236 -41.50 -6.33 12.50
CA PRO B 236 -41.99 -7.43 11.67
C PRO B 236 -41.11 -8.67 11.77
N GLU B 237 -41.72 -9.83 11.55
CA GLU B 237 -41.03 -11.11 11.64
C GLU B 237 -40.12 -11.38 10.44
N THR B 238 -40.29 -10.66 9.35
CA THR B 238 -39.52 -10.88 8.14
C THR B 238 -39.33 -9.51 7.48
N PRO B 239 -38.29 -9.34 6.66
CA PRO B 239 -38.08 -8.04 6.02
C PRO B 239 -39.17 -7.73 5.01
N LYS B 240 -39.16 -6.47 4.56
CA LYS B 240 -40.14 -5.97 3.62
C LYS B 240 -39.59 -5.71 2.22
N THR B 241 -38.29 -5.41 2.09
CA THR B 241 -37.72 -5.12 0.78
C THR B 241 -37.68 -6.39 -0.07
N ALA B 242 -38.13 -6.25 -1.32
CA ALA B 242 -38.12 -7.38 -2.24
C ALA B 242 -36.69 -7.75 -2.63
N GLY B 243 -36.38 -9.04 -2.55
CA GLY B 243 -35.12 -9.54 -3.05
C GLY B 243 -33.93 -9.28 -2.15
N LEU B 244 -34.16 -9.06 -0.86
CA LEU B 244 -33.07 -8.91 0.09
C LEU B 244 -32.47 -10.29 0.39
N ARG B 245 -31.15 -10.38 0.32
CA ARG B 245 -30.47 -11.64 0.56
C ARG B 245 -29.05 -11.34 1.03
N PRO B 246 -28.40 -12.29 1.71
CA PRO B 246 -27.02 -12.09 2.10
C PRO B 246 -26.11 -11.82 0.90
N MET B 247 -25.11 -10.99 1.12
CA MET B 247 -24.11 -10.73 0.08
C MET B 247 -23.33 -11.99 -0.22
N GLU B 248 -23.01 -12.18 -1.49
CA GLU B 248 -22.25 -13.34 -1.95
C GLU B 248 -21.01 -12.88 -2.71
N THR B 249 -20.15 -13.84 -3.03
CA THR B 249 -18.92 -13.55 -3.75
C THR B 249 -19.17 -12.79 -5.04
N LYS B 250 -20.24 -13.16 -5.76
CA LYS B 250 -20.52 -12.55 -7.05
C LYS B 250 -20.98 -11.10 -6.91
N ASP B 251 -21.38 -10.67 -5.72
CA ASP B 251 -21.82 -9.31 -5.48
C ASP B 251 -20.67 -8.36 -5.14
N ILE B 252 -19.45 -8.89 -4.96
CA ILE B 252 -18.34 -8.04 -4.55
C ILE B 252 -18.08 -6.92 -5.52
N PRO B 253 -18.11 -7.11 -6.85
CA PRO B 253 -17.93 -5.94 -7.73
C PRO B 253 -19.02 -4.90 -7.59
N VAL B 254 -20.29 -5.30 -7.65
CA VAL B 254 -21.38 -4.33 -7.57
C VAL B 254 -21.45 -3.69 -6.19
N VAL B 255 -21.14 -4.46 -5.14
CA VAL B 255 -21.05 -3.86 -3.81
C VAL B 255 -19.96 -2.80 -3.77
N HIS B 256 -18.81 -3.10 -4.40
CA HIS B 256 -17.76 -2.11 -4.51
C HIS B 256 -18.23 -0.90 -5.29
N GLN B 257 -18.99 -1.13 -6.36
CA GLN B 257 -19.45 -0.02 -7.19
C GLN B 257 -20.42 0.87 -6.41
N LEU B 258 -21.42 0.28 -5.76
CA LEU B 258 -22.41 1.05 -5.02
C LEU B 258 -21.76 1.88 -3.92
N LEU B 259 -20.85 1.27 -3.15
CA LEU B 259 -20.20 1.98 -2.06
C LEU B 259 -19.35 3.14 -2.57
N THR B 260 -18.60 2.93 -3.65
CA THR B 260 -17.71 3.96 -4.15
C THR B 260 -18.48 5.21 -4.58
N ARG B 261 -19.56 5.01 -5.36
CA ARG B 261 -20.29 6.16 -5.89
C ARG B 261 -21.12 6.85 -4.81
N TYR B 262 -21.67 6.07 -3.88
CA TYR B 262 -22.45 6.67 -2.80
C TYR B 262 -21.56 7.51 -1.89
N LEU B 263 -20.34 7.06 -1.61
CA LEU B 263 -19.46 7.77 -0.68
C LEU B 263 -18.93 9.09 -1.22
N LYS B 264 -19.01 9.33 -2.53
CA LYS B 264 -18.48 10.57 -3.09
C LYS B 264 -19.21 11.81 -2.56
N GLN B 265 -20.45 11.64 -2.08
CA GLN B 265 -21.26 12.74 -1.58
C GLN B 265 -20.78 13.28 -0.25
N PHE B 266 -19.99 12.51 0.49
CA PHE B 266 -19.50 12.92 1.80
C PHE B 266 -18.07 13.43 1.68
N HIS B 267 -17.58 14.01 2.78
CA HIS B 267 -16.29 14.68 2.76
C HIS B 267 -15.20 13.94 3.50
N LEU B 268 -15.54 12.95 4.33
CA LEU B 268 -14.56 12.09 4.98
C LEU B 268 -15.00 10.65 4.75
N THR B 269 -14.39 9.99 3.79
CA THR B 269 -14.77 8.64 3.38
C THR B 269 -13.52 7.81 3.15
N PRO B 270 -13.64 6.49 3.24
CA PRO B 270 -12.56 5.63 2.76
C PRO B 270 -12.70 5.38 1.27
N VAL B 271 -11.57 5.13 0.63
CA VAL B 271 -11.54 4.74 -0.78
C VAL B 271 -11.06 3.29 -0.79
N MET B 272 -12.00 2.36 -0.91
CA MET B 272 -11.71 0.94 -0.83
C MET B 272 -11.42 0.37 -2.21
N SER B 273 -10.38 -0.43 -2.30
CA SER B 273 -10.22 -1.29 -3.45
C SER B 273 -11.31 -2.36 -3.41
N GLN B 274 -11.49 -3.05 -4.53
CA GLN B 274 -12.47 -4.13 -4.55
C GLN B 274 -12.07 -5.25 -3.60
N GLU B 275 -10.77 -5.46 -3.41
CA GLU B 275 -10.32 -6.48 -2.48
C GLU B 275 -10.58 -6.08 -1.03
N GLU B 276 -10.54 -4.78 -0.73
CA GLU B 276 -10.85 -4.32 0.61
C GLU B 276 -12.36 -4.39 0.87
N VAL B 277 -13.17 -4.06 -0.14
CA VAL B 277 -14.62 -4.21 -0.02
C VAL B 277 -14.97 -5.65 0.31
N GLU B 278 -14.31 -6.61 -0.34
CA GLU B 278 -14.53 -8.01 -0.03
C GLU B 278 -14.25 -8.30 1.44
N HIS B 279 -13.11 -7.82 1.95
CA HIS B 279 -12.76 -8.08 3.34
C HIS B 279 -13.75 -7.45 4.30
N TRP B 280 -14.13 -6.20 4.07
CA TRP B 280 -14.95 -5.47 5.03
C TRP B 280 -16.43 -5.84 4.97
N PHE B 281 -16.89 -6.41 3.86
CA PHE B 281 -18.33 -6.62 3.68
C PHE B 281 -18.74 -8.07 3.48
N TYR B 282 -17.86 -8.94 3.01
CA TYR B 282 -18.25 -10.33 2.82
C TYR B 282 -18.67 -10.92 4.15
N PRO B 283 -19.84 -11.54 4.24
CA PRO B 283 -20.38 -11.93 5.55
C PRO B 283 -19.50 -12.95 6.26
N GLN B 284 -19.18 -12.63 7.51
CA GLN B 284 -18.62 -13.56 8.46
C GLN B 284 -19.53 -13.58 9.68
N GLU B 285 -19.97 -14.77 10.07
CA GLU B 285 -20.92 -14.90 11.16
C GLU B 285 -20.32 -14.35 12.45
N ASN B 286 -21.13 -13.61 13.20
CA ASN B 286 -20.75 -12.97 14.46
C ASN B 286 -19.70 -11.88 14.28
N ILE B 287 -19.52 -11.39 13.05
CA ILE B 287 -18.53 -10.34 12.81
C ILE B 287 -19.14 -9.24 11.97
N ILE B 288 -19.48 -9.57 10.73
CA ILE B 288 -20.01 -8.60 9.78
C ILE B 288 -21.12 -9.26 8.99
N ASP B 289 -22.24 -8.55 8.84
CA ASP B 289 -23.34 -9.00 8.00
C ASP B 289 -23.62 -7.93 6.97
N THR B 290 -23.75 -8.35 5.71
CA THR B 290 -24.10 -7.48 4.61
C THR B 290 -25.22 -8.15 3.83
N PHE B 291 -26.29 -7.40 3.57
CA PHE B 291 -27.42 -7.91 2.82
C PHE B 291 -27.61 -7.05 1.58
N VAL B 292 -27.68 -7.69 0.43
CA VAL B 292 -27.87 -7.00 -0.82
C VAL B 292 -29.31 -7.14 -1.27
N VAL B 293 -29.75 -6.22 -2.11
CA VAL B 293 -31.06 -6.27 -2.74
C VAL B 293 -30.87 -6.64 -4.20
N GLU B 294 -31.31 -7.85 -4.57
CA GLU B 294 -31.35 -8.28 -5.96
C GLU B 294 -32.79 -8.17 -6.44
N ASN B 295 -33.04 -7.26 -7.38
CA ASN B 295 -34.39 -6.97 -7.84
C ASN B 295 -34.83 -7.99 -8.88
N ALA B 296 -36.00 -7.77 -9.48
CA ALA B 296 -36.57 -8.72 -10.44
C ALA B 296 -35.72 -8.87 -11.69
N ASN B 297 -34.81 -7.93 -11.96
CA ASN B 297 -33.91 -8.03 -13.10
C ASN B 297 -32.58 -8.68 -12.76
N GLY B 298 -32.38 -9.10 -11.52
CA GLY B 298 -31.10 -9.62 -11.09
C GLY B 298 -30.07 -8.57 -10.77
N GLU B 299 -30.34 -7.31 -11.06
CA GLU B 299 -29.44 -6.22 -10.70
C GLU B 299 -29.45 -6.01 -9.19
N VAL B 300 -28.27 -5.79 -8.62
CA VAL B 300 -28.15 -5.39 -7.23
C VAL B 300 -28.12 -3.87 -7.18
N THR B 301 -29.14 -3.30 -6.52
CA THR B 301 -29.32 -1.85 -6.49
C THR B 301 -29.03 -1.23 -5.13
N ASP B 302 -29.04 -2.02 -4.06
CA ASP B 302 -28.86 -1.52 -2.71
C ASP B 302 -28.19 -2.60 -1.89
N PHE B 303 -27.66 -2.20 -0.74
CA PHE B 303 -27.23 -3.17 0.25
C PHE B 303 -27.19 -2.51 1.61
N LEU B 304 -27.26 -3.32 2.64
CA LEU B 304 -27.14 -2.89 4.03
C LEU B 304 -26.06 -3.72 4.70
N SER B 305 -25.40 -3.13 5.68
CA SER B 305 -24.35 -3.81 6.42
C SER B 305 -24.43 -3.38 7.88
N PHE B 306 -24.08 -4.31 8.76
CA PHE B 306 -23.96 -4.00 10.18
C PHE B 306 -22.93 -4.96 10.77
N TYR B 307 -22.14 -4.47 11.70
CA TYR B 307 -21.12 -5.31 12.30
C TYR B 307 -21.52 -5.72 13.71
N THR B 308 -20.97 -6.85 14.14
CA THR B 308 -21.35 -7.54 15.37
C THR B 308 -20.27 -7.28 16.41
N LEU B 309 -20.65 -6.65 17.53
CA LEU B 309 -19.75 -6.51 18.68
C LEU B 309 -20.56 -6.65 19.95
N PRO B 310 -20.55 -7.81 20.58
CA PRO B 310 -21.33 -8.00 21.80
C PRO B 310 -20.70 -7.28 22.96
N SER B 311 -21.51 -7.08 24.01
CA SER B 311 -21.11 -6.25 25.12
C SER B 311 -21.17 -7.04 26.42
N THR B 312 -20.07 -6.99 27.17
CA THR B 312 -20.01 -7.56 28.51
C THR B 312 -20.72 -6.63 29.50
N ILE B 313 -21.49 -7.21 30.40
CA ILE B 313 -22.17 -6.49 31.46
C ILE B 313 -21.47 -6.82 32.76
N MET B 314 -20.78 -5.84 33.34
CA MET B 314 -20.02 -6.10 34.56
C MET B 314 -20.92 -6.32 35.77
N ASN B 315 -21.99 -5.54 35.90
CA ASN B 315 -22.88 -5.72 37.04
C ASN B 315 -23.68 -7.01 36.94
N HIS B 316 -23.79 -7.59 35.74
CA HIS B 316 -24.49 -8.85 35.51
C HIS B 316 -23.52 -9.83 34.85
N PRO B 317 -22.60 -10.40 35.62
CA PRO B 317 -21.61 -11.32 35.02
C PRO B 317 -22.22 -12.60 34.50
N THR B 318 -23.29 -13.10 35.13
CA THR B 318 -23.95 -14.31 34.65
C THR B 318 -24.61 -14.12 33.29
N HIS B 319 -24.96 -12.89 32.95
CA HIS B 319 -25.80 -12.62 31.80
C HIS B 319 -25.00 -12.72 30.51
N LYS B 320 -25.55 -13.46 29.55
CA LYS B 320 -24.93 -13.55 28.23
C LYS B 320 -24.71 -12.15 27.65
N SER B 321 -23.60 -11.99 26.95
CA SER B 321 -23.22 -10.67 26.46
C SER B 321 -24.29 -10.12 25.52
N LEU B 322 -24.70 -8.87 25.76
CA LEU B 322 -25.61 -8.18 24.88
C LEU B 322 -25.11 -8.20 23.43
N LYS B 323 -25.79 -8.93 22.57
CA LYS B 323 -25.45 -8.99 21.15
C LYS B 323 -25.92 -7.70 20.48
N ALA B 324 -24.98 -6.85 20.09
CA ALA B 324 -25.29 -5.57 19.47
C ALA B 324 -24.85 -5.55 18.01
N ALA B 325 -25.71 -5.03 17.15
CA ALA B 325 -25.37 -4.79 15.75
C ALA B 325 -25.06 -3.31 15.59
N TYR B 326 -23.99 -3.02 14.86
CA TYR B 326 -23.58 -1.65 14.63
C TYR B 326 -23.68 -1.35 13.14
N SER B 327 -24.43 -0.30 12.81
CA SER B 327 -24.55 0.14 11.44
C SER B 327 -23.16 0.38 10.85
N PHE B 328 -22.94 -0.16 9.65
CA PHE B 328 -21.64 -0.06 9.02
C PHE B 328 -21.79 0.85 7.82
N TYR B 329 -22.06 0.33 6.63
CA TYR B 329 -22.32 1.14 5.44
C TYR B 329 -23.64 0.68 4.83
N ASN B 330 -24.46 1.66 4.42
CA ASN B 330 -25.77 1.38 3.86
C ASN B 330 -25.95 2.24 2.62
N VAL B 331 -25.94 1.61 1.45
CA VAL B 331 -26.02 2.30 0.17
C VAL B 331 -27.41 2.06 -0.40
N HIS B 332 -28.04 3.14 -0.84
CA HIS B 332 -29.35 3.08 -1.48
C HIS B 332 -29.32 3.85 -2.79
N THR B 333 -29.84 3.22 -3.84
CA THR B 333 -30.10 3.88 -5.11
C THR B 333 -31.52 3.69 -5.61
N GLN B 334 -32.19 2.60 -5.24
CA GLN B 334 -33.58 2.37 -5.64
C GLN B 334 -34.50 1.97 -4.50
N THR B 335 -34.00 1.30 -3.48
CA THR B 335 -34.76 1.06 -2.25
C THR B 335 -34.58 2.26 -1.33
N PRO B 336 -35.67 2.82 -0.79
CA PRO B 336 -35.50 3.93 0.16
C PRO B 336 -34.67 3.52 1.36
N LEU B 337 -33.74 4.40 1.75
CA LEU B 337 -32.91 4.12 2.92
C LEU B 337 -33.75 3.84 4.15
N LEU B 338 -34.90 4.50 4.28
CA LEU B 338 -35.80 4.23 5.41
C LEU B 338 -36.27 2.79 5.41
N ASP B 339 -36.67 2.28 4.24
CA ASP B 339 -37.03 0.86 4.15
C ASP B 339 -35.82 -0.02 4.40
N LEU B 340 -34.65 0.39 3.88
CA LEU B 340 -33.45 -0.43 4.00
C LEU B 340 -33.03 -0.57 5.45
N MET B 341 -33.00 0.54 6.19
CA MET B 341 -32.61 0.48 7.59
C MET B 341 -33.65 -0.24 8.43
N SER B 342 -34.93 -0.11 8.08
CA SER B 342 -35.96 -0.90 8.74
C SER B 342 -35.70 -2.39 8.53
N ASP B 343 -35.30 -2.79 7.33
CA ASP B 343 -34.98 -4.19 7.09
C ASP B 343 -33.74 -4.61 7.87
N ALA B 344 -32.78 -3.71 8.02
CA ALA B 344 -31.62 -3.98 8.87
C ALA B 344 -32.06 -4.27 10.29
N LEU B 345 -32.95 -3.44 10.84
CA LEU B 345 -33.50 -3.70 12.17
C LEU B 345 -34.20 -5.06 12.22
N VAL B 346 -35.01 -5.36 11.21
CA VAL B 346 -35.74 -6.64 11.19
C VAL B 346 -34.76 -7.80 11.07
N LEU B 347 -33.75 -7.68 10.20
CA LEU B 347 -32.78 -8.74 10.04
C LEU B 347 -31.96 -8.95 11.31
N ALA B 348 -31.60 -7.85 11.99
CA ALA B 348 -30.88 -7.99 13.25
C ALA B 348 -31.74 -8.66 14.30
N LYS B 349 -33.02 -8.31 14.36
CA LYS B 349 -33.93 -8.97 15.28
C LYS B 349 -34.00 -10.47 14.99
N MET B 350 -34.15 -10.83 13.72
CA MET B 350 -34.18 -12.24 13.34
C MET B 350 -32.89 -12.95 13.71
N LYS B 351 -31.77 -12.25 13.63
CA LYS B 351 -30.47 -12.86 13.91
C LYS B 351 -30.13 -12.86 15.38
N GLY B 352 -31.05 -12.44 16.26
CA GLY B 352 -30.84 -12.53 17.68
C GLY B 352 -30.21 -11.32 18.33
N PHE B 353 -30.10 -10.20 17.62
CA PHE B 353 -29.49 -9.02 18.20
C PHE B 353 -30.43 -8.38 19.20
N ASP B 354 -29.83 -7.79 20.25
CA ASP B 354 -30.60 -7.12 21.28
C ASP B 354 -30.74 -5.63 21.05
N VAL B 355 -29.81 -5.01 20.34
CA VAL B 355 -29.87 -3.58 20.04
C VAL B 355 -29.20 -3.34 18.70
N PHE B 356 -29.68 -2.32 17.98
CA PHE B 356 -29.09 -1.88 16.73
C PHE B 356 -28.54 -0.48 16.91
N ASN B 357 -27.22 -0.34 16.83
CA ASN B 357 -26.55 0.92 17.09
C ASN B 357 -26.21 1.62 15.78
N ALA B 358 -26.30 2.95 15.79
CA ALA B 358 -25.97 3.74 14.61
C ALA B 358 -25.55 5.13 15.05
N LEU B 359 -24.64 5.73 14.29
CA LEU B 359 -24.26 7.12 14.47
C LEU B 359 -25.16 8.01 13.63
N ASP B 360 -25.05 9.32 13.85
CA ASP B 360 -25.78 10.30 13.06
C ASP B 360 -24.98 10.76 11.86
N LEU B 361 -24.05 9.94 11.37
CA LEU B 361 -23.24 10.30 10.22
C LEU B 361 -23.96 9.96 8.91
N MET B 362 -23.38 10.40 7.80
CA MET B 362 -23.92 10.17 6.46
C MET B 362 -25.36 10.68 6.46
N GLU B 363 -26.33 9.92 5.95
CA GLU B 363 -27.74 10.31 5.95
C GLU B 363 -28.51 9.67 7.10
N ASN B 364 -27.83 9.22 8.14
CA ASN B 364 -28.49 8.46 9.19
C ASN B 364 -29.53 9.29 9.92
N LYS B 365 -29.33 10.62 10.02
CA LYS B 365 -30.29 11.46 10.69
C LYS B 365 -31.67 11.41 10.03
N THR B 366 -31.72 11.09 8.74
CA THR B 366 -33.00 11.05 8.04
C THR B 366 -33.90 9.92 8.48
N PHE B 367 -33.34 8.86 9.08
CA PHE B 367 -34.14 7.71 9.47
C PHE B 367 -34.06 7.36 10.96
N LEU B 368 -33.12 7.93 11.72
CA LEU B 368 -32.90 7.49 13.09
C LEU B 368 -34.16 7.63 13.93
N GLU B 369 -34.73 8.83 13.97
CA GLU B 369 -35.88 9.05 14.84
C GLU B 369 -37.11 8.32 14.33
N LYS B 370 -37.31 8.30 13.01
CA LYS B 370 -38.49 7.66 12.46
C LYS B 370 -38.49 6.16 12.69
N LEU B 371 -37.31 5.53 12.75
CA LEU B 371 -37.20 4.11 13.04
C LEU B 371 -37.05 3.83 14.54
N LYS B 372 -37.37 4.82 15.37
CA LYS B 372 -37.49 4.66 16.82
C LYS B 372 -36.13 4.44 17.50
N PHE B 373 -35.07 5.00 16.91
CA PHE B 373 -33.80 5.08 17.60
C PHE B 373 -33.88 6.07 18.75
N GLY B 374 -33.10 5.81 19.80
CA GLY B 374 -32.99 6.71 20.94
C GLY B 374 -31.56 7.24 21.02
N ILE B 375 -31.44 8.53 21.36
CA ILE B 375 -30.13 9.15 21.41
C ILE B 375 -29.29 8.53 22.52
N GLY B 376 -27.98 8.45 22.29
CA GLY B 376 -27.06 7.90 23.25
C GLY B 376 -26.38 8.98 24.08
N ASP B 377 -25.62 8.51 25.07
CA ASP B 377 -24.86 9.41 25.94
C ASP B 377 -23.40 9.53 25.54
N GLY B 378 -22.99 8.89 24.47
CA GLY B 378 -21.61 8.92 24.01
C GLY B 378 -21.51 9.47 22.60
N ASN B 379 -20.46 10.26 22.36
CA ASN B 379 -20.12 10.77 21.05
C ASN B 379 -18.96 9.97 20.48
N LEU B 380 -18.85 9.99 19.15
CA LEU B 380 -17.67 9.46 18.46
C LEU B 380 -16.99 10.62 17.77
N GLN B 381 -15.78 10.94 18.20
CA GLN B 381 -15.02 12.05 17.64
C GLN B 381 -14.11 11.51 16.54
N TYR B 382 -14.05 12.23 15.43
CA TYR B 382 -13.22 11.85 14.29
C TYR B 382 -12.02 12.78 14.18
N TYR B 383 -10.86 12.21 13.86
CA TYR B 383 -9.61 12.97 13.86
C TYR B 383 -8.77 12.63 12.65
N LEU B 384 -8.01 13.63 12.22
CA LEU B 384 -6.95 13.45 11.24
C LEU B 384 -5.62 13.87 11.84
N TYR B 385 -4.59 13.09 11.58
CA TYR B 385 -3.25 13.37 12.05
C TYR B 385 -2.45 14.01 10.93
N ASN B 386 -1.80 15.13 11.24
CA ASN B 386 -0.99 15.86 10.26
C ASN B 386 -1.80 16.24 9.03
N TRP B 387 -3.05 16.62 9.23
CA TRP B 387 -3.87 17.18 8.17
C TRP B 387 -4.73 18.29 8.74
N LYS B 388 -4.48 19.51 8.28
CA LYS B 388 -5.22 20.69 8.71
C LYS B 388 -6.32 20.96 7.67
N CYS B 389 -7.57 20.90 8.09
CA CYS B 389 -8.71 21.08 7.19
C CYS B 389 -9.90 21.54 8.01
N PRO B 390 -10.87 22.22 7.38
CA PRO B 390 -12.05 22.67 8.14
C PRO B 390 -12.82 21.50 8.73
N SER B 391 -13.44 21.75 9.87
CA SER B 391 -14.30 20.74 10.45
C SER B 391 -15.56 20.57 9.61
N MET B 392 -16.28 19.47 9.84
CA MET B 392 -17.49 19.20 9.09
C MET B 392 -18.57 18.69 10.03
N GLY B 393 -19.82 18.84 9.59
CA GLY B 393 -20.92 18.27 10.32
C GLY B 393 -20.96 16.76 10.23
N ALA B 394 -21.74 16.15 11.11
CA ALA B 394 -21.79 14.69 11.16
C ALA B 394 -22.31 14.11 9.86
N GLU B 395 -23.21 14.82 9.18
CA GLU B 395 -23.82 14.31 7.96
C GLU B 395 -22.83 14.20 6.80
N LYS B 396 -21.64 14.77 6.93
CA LYS B 396 -20.63 14.69 5.89
C LYS B 396 -19.56 13.64 6.20
N VAL B 397 -19.64 13.00 7.35
CA VAL B 397 -18.68 11.96 7.72
C VAL B 397 -19.17 10.64 7.18
N GLY B 398 -18.33 9.97 6.41
CA GLY B 398 -18.71 8.69 5.84
C GLY B 398 -17.70 7.61 6.14
N LEU B 399 -17.14 7.66 7.35
CA LEU B 399 -16.08 6.74 7.72
C LEU B 399 -16.47 6.05 9.02
N GLY C 1 16.31 -3.84 -15.46
CA GLY C 1 16.79 -3.51 -16.78
C GLY C 1 16.12 -4.37 -17.85
N ASN C 2 15.24 -3.74 -18.62
CA ASN C 2 14.40 -4.44 -19.60
C ASN C 2 14.95 -4.36 -21.01
N CYS C 3 16.27 -4.25 -21.14
CA CYS C 3 16.93 -4.18 -22.44
C CYS C 3 18.30 -4.82 -22.29
N PHE C 4 18.79 -5.44 -23.36
CA PHE C 4 20.17 -5.89 -23.41
C PHE C 4 20.88 -5.15 -24.52
N SER C 5 21.81 -4.30 -24.14
CA SER C 5 22.63 -3.54 -25.07
C SER C 5 24.06 -4.07 -25.06
N LYS C 6 24.67 -4.07 -26.22
CA LYS C 6 26.11 -4.24 -26.37
C LYS C 6 26.69 -2.92 -26.85
N PRO C 7 28.00 -2.70 -26.65
CA PRO C 7 28.63 -1.56 -27.31
C PRO C 7 28.46 -1.67 -28.82
N ARG C 8 27.95 -0.59 -29.42
CA ARG C 8 27.59 -0.63 -30.83
C ARG C 8 28.82 -0.49 -31.72
N GLY D 1 -15.68 1.73 15.71
CA GLY D 1 -16.11 2.70 16.72
C GLY D 1 -15.44 2.47 18.05
N ASN D 2 -14.84 3.52 18.60
CA ASN D 2 -14.10 3.44 19.86
C ASN D 2 -14.81 4.21 20.96
N CYS D 3 -16.13 4.14 20.96
CA CYS D 3 -16.95 4.71 22.02
C CYS D 3 -18.02 3.70 22.38
N PHE D 4 -18.23 3.49 23.68
CA PHE D 4 -19.37 2.71 24.15
C PHE D 4 -20.45 3.70 24.59
N SER D 5 -21.53 3.74 23.84
CA SER D 5 -22.65 4.60 24.14
C SER D 5 -23.85 3.77 24.54
N LYS D 6 -24.68 4.32 25.41
CA LYS D 6 -25.94 3.73 25.83
C LYS D 6 -27.04 4.73 25.57
N PRO D 7 -28.31 4.32 25.58
CA PRO D 7 -29.39 5.32 25.49
C PRO D 7 -29.31 6.33 26.62
N ARG D 8 -29.52 7.59 26.26
CA ARG D 8 -29.58 8.67 27.22
C ARG D 8 -30.85 8.57 28.09
#